data_2NYZ
#
_entry.id   2NYZ
#
_cell.length_a   84.370
_cell.length_b   103.190
_cell.length_c   290.940
_cell.angle_alpha   90.00
_cell.angle_beta   90.00
_cell.angle_gamma   90.00
#
_symmetry.space_group_name_H-M   'I 21 21 21'
#
loop_
_entity.id
_entity.type
_entity.pdbx_description
1 polymer 'Hypothetical protein GAMMAHV.M3'
2 polymer Lymphotactin
3 water water
#
loop_
_entity_poly.entity_id
_entity_poly.type
_entity_poly.pdbx_seq_one_letter_code
_entity_poly.pdbx_strand_id
1 'polypeptide(L)'
;LTLGLAPALSTHSSGVSTQSVDLSQIKRGDEIQAHCLTPAETEVTECAGILKDVLSKNLHELQGLCNVKNKMGVPWVSVE
ELGQEIITGRLPFPSVGGTPVNDLVRVLVVAESNTPEETPEEEFYAYVELQTELYTFGLSDDNVVFTSDYMTVWMIDIPK
SYVDVGMLTRATFLEQWPGAKVTVMIPYSSTFTWCGELGAISEESAPQPSLSARSPVCKNSARYSTSKFCEVDGCTAETG
MEKMSLLTPFGGPPQQAKMNTCPCYYKYSVSPLPAMDHLILADLAGLDSLTSPVYVMAAYFDSTHENPVRPSSKLYHCAL
QMTSHDGVWTSTSSEQCPIRLVEGQSQNVLQVRVAPTSMPNLVGVSLMLEGQQYRLEYFGDH
;
A,B
2 'polypeptide(L)'
;VGSEVSDKRTCVSLTTQRLPVSRIKTYTITEGSLRAVIFITKRGLKVCADPQATWVRDVVRSMDRKSNTRNNMIQTKPTG
TQQSTNTAVTLTG
;
D,E
#
# COMPACT_ATOMS: atom_id res chain seq x y z
N HIS A 12 -20.97 -26.25 -7.73
CA HIS A 12 -19.85 -25.82 -6.83
C HIS A 12 -19.03 -24.65 -7.40
N SER A 13 -19.72 -23.53 -7.61
CA SER A 13 -19.11 -22.31 -8.14
C SER A 13 -17.97 -21.81 -7.27
N SER A 14 -18.14 -21.92 -5.96
CA SER A 14 -17.14 -21.45 -5.03
C SER A 14 -16.67 -22.58 -4.10
N GLY A 15 -15.76 -22.26 -3.19
CA GLY A 15 -15.28 -23.26 -2.28
C GLY A 15 -13.82 -23.10 -1.96
N VAL A 16 -13.30 -24.03 -1.16
CA VAL A 16 -11.90 -24.05 -0.76
C VAL A 16 -11.51 -25.51 -0.65
N SER A 17 -10.34 -25.85 -1.18
CA SER A 17 -9.86 -27.23 -1.13
C SER A 17 -8.35 -27.29 -0.95
N THR A 18 -7.86 -28.40 -0.43
CA THR A 18 -6.44 -28.55 -0.20
C THR A 18 -5.94 -29.89 -0.68
N GLN A 19 -4.64 -30.10 -0.53
CA GLN A 19 -4.00 -31.33 -0.94
C GLN A 19 -2.53 -31.24 -0.62
N SER A 20 -1.88 -32.37 -0.47
CA SER A 20 -0.45 -32.40 -0.20
C SER A 20 0.20 -32.17 -1.55
N VAL A 21 1.41 -31.62 -1.55
CA VAL A 21 2.07 -31.42 -2.83
C VAL A 21 3.41 -32.12 -2.83
N ASP A 22 3.47 -33.22 -3.58
CA ASP A 22 4.69 -34.01 -3.70
C ASP A 22 5.33 -33.66 -5.04
N LEU A 23 6.33 -32.78 -5.02
CA LEU A 23 6.99 -32.38 -6.26
C LEU A 23 7.64 -33.58 -6.93
N SER A 24 7.98 -34.59 -6.13
CA SER A 24 8.58 -35.81 -6.63
C SER A 24 7.55 -36.57 -7.45
N GLN A 25 6.29 -36.49 -7.04
CA GLN A 25 5.23 -37.18 -7.76
C GLN A 25 4.68 -36.32 -8.89
N ILE A 26 5.25 -35.12 -9.04
CA ILE A 26 4.80 -34.21 -10.09
C ILE A 26 5.80 -34.12 -11.22
N LYS A 27 5.29 -34.31 -12.42
CA LYS A 27 6.08 -34.29 -13.65
C LYS A 27 6.95 -33.02 -13.77
N ARG A 28 8.21 -33.13 -13.35
CA ARG A 28 9.17 -32.03 -13.42
C ARG A 28 8.75 -30.89 -12.49
N GLY A 29 8.08 -31.25 -11.40
CA GLY A 29 7.62 -30.26 -10.45
C GLY A 29 8.72 -29.34 -9.93
N ASP A 30 9.88 -29.92 -9.68
CA ASP A 30 11.04 -29.19 -9.19
C ASP A 30 11.45 -28.04 -10.10
N GLU A 31 11.36 -28.24 -11.41
CA GLU A 31 11.73 -27.23 -12.38
C GLU A 31 10.68 -26.13 -12.46
N ILE A 32 9.42 -26.55 -12.53
CA ILE A 32 8.30 -25.62 -12.60
C ILE A 32 8.36 -24.65 -11.44
N GLN A 33 8.45 -25.18 -10.23
CA GLN A 33 8.49 -24.35 -9.04
C GLN A 33 9.80 -23.58 -8.87
N ALA A 34 10.64 -23.57 -9.90
CA ALA A 34 11.93 -22.88 -9.80
C ALA A 34 12.18 -21.89 -10.92
N HIS A 35 11.44 -22.05 -12.01
CA HIS A 35 11.58 -21.15 -13.16
C HIS A 35 10.21 -20.63 -13.56
N CYS A 36 9.16 -21.21 -12.98
CA CYS A 36 7.81 -20.78 -13.26
C CYS A 36 7.16 -20.10 -12.06
N LEU A 37 7.37 -20.65 -10.87
CA LEU A 37 6.76 -20.08 -9.68
C LEU A 37 7.77 -19.42 -8.77
N THR A 38 8.91 -19.04 -9.31
CA THR A 38 9.93 -18.38 -8.51
C THR A 38 10.55 -17.25 -9.33
N PRO A 39 10.78 -16.09 -8.71
CA PRO A 39 11.39 -15.00 -9.49
C PRO A 39 12.80 -15.39 -9.92
N ALA A 40 12.95 -15.73 -11.19
CA ALA A 40 14.23 -16.14 -11.76
C ALA A 40 14.48 -15.45 -13.10
N GLU A 41 14.63 -16.24 -14.15
CA GLU A 41 14.88 -15.67 -15.46
C GLU A 41 13.81 -14.66 -15.78
N THR A 42 14.24 -13.47 -16.19
CA THR A 42 13.33 -12.40 -16.54
C THR A 42 12.91 -12.58 -18.00
N GLU A 43 12.67 -13.82 -18.38
CA GLU A 43 12.27 -14.18 -19.74
C GLU A 43 11.38 -15.41 -19.69
N VAL A 44 10.23 -15.34 -20.35
CA VAL A 44 9.29 -16.45 -20.37
C VAL A 44 9.90 -17.76 -20.87
N THR A 45 10.93 -17.63 -21.71
CA THR A 45 11.61 -18.77 -22.32
C THR A 45 11.80 -19.99 -21.42
N GLU A 46 12.53 -19.85 -20.32
CA GLU A 46 12.76 -20.99 -19.43
C GLU A 46 11.46 -21.68 -19.03
N CYS A 47 10.64 -20.97 -18.25
CA CYS A 47 9.38 -21.52 -17.80
C CYS A 47 8.51 -21.99 -18.96
N ALA A 48 8.48 -21.25 -20.06
CA ALA A 48 7.67 -21.64 -21.20
C ALA A 48 8.17 -22.98 -21.72
N GLY A 49 9.47 -23.22 -21.54
CA GLY A 49 10.06 -24.47 -21.99
C GLY A 49 9.49 -25.63 -21.19
N ILE A 50 9.77 -25.60 -19.90
CA ILE A 50 9.30 -26.63 -18.97
C ILE A 50 7.81 -26.90 -19.13
N LEU A 51 7.01 -25.83 -19.16
CA LEU A 51 5.57 -25.97 -19.30
C LEU A 51 5.11 -26.50 -20.64
N LYS A 52 5.83 -26.22 -21.72
CA LYS A 52 5.39 -26.74 -23.01
C LYS A 52 5.55 -28.26 -23.01
N ASP A 53 6.65 -28.74 -22.43
CA ASP A 53 6.88 -30.18 -22.35
C ASP A 53 5.83 -30.80 -21.44
N VAL A 54 5.95 -30.50 -20.14
CA VAL A 54 5.06 -31.01 -19.11
C VAL A 54 3.56 -30.93 -19.42
N LEU A 55 3.09 -29.75 -19.80
CA LEU A 55 1.67 -29.55 -20.09
C LEU A 55 1.17 -30.13 -21.40
N SER A 56 2.06 -30.37 -22.36
CA SER A 56 1.62 -30.93 -23.63
C SER A 56 1.23 -32.38 -23.42
N LYS A 57 1.81 -33.00 -22.40
CA LYS A 57 1.48 -34.38 -22.05
C LYS A 57 0.26 -34.31 -21.13
N ASN A 58 0.50 -33.98 -19.86
CA ASN A 58 -0.56 -33.84 -18.85
C ASN A 58 -0.99 -32.37 -18.81
N LEU A 59 -2.10 -32.05 -19.45
CA LEU A 59 -2.60 -30.69 -19.54
C LEU A 59 -2.80 -29.95 -18.22
N HIS A 60 -3.46 -30.60 -17.27
CA HIS A 60 -3.77 -30.00 -15.98
C HIS A 60 -2.69 -30.25 -14.92
N GLU A 61 -1.47 -30.43 -15.37
CA GLU A 61 -0.35 -30.71 -14.47
C GLU A 61 -0.13 -29.64 -13.42
N LEU A 62 -0.43 -28.39 -13.75
CA LEU A 62 -0.23 -27.30 -12.81
C LEU A 62 -1.14 -27.38 -11.57
N GLN A 63 -2.33 -27.97 -11.75
CA GLN A 63 -3.28 -28.11 -10.66
C GLN A 63 -2.72 -28.82 -9.45
N GLY A 64 -1.73 -29.67 -9.67
CA GLY A 64 -1.14 -30.40 -8.56
C GLY A 64 -0.19 -29.58 -7.70
N LEU A 65 0.13 -28.37 -8.14
CA LEU A 65 1.01 -27.51 -7.38
C LEU A 65 0.24 -26.61 -6.42
N CYS A 66 -1.08 -26.64 -6.52
CA CYS A 66 -1.91 -25.79 -5.66
C CYS A 66 -2.18 -26.42 -4.30
N ASN A 67 -1.40 -26.07 -3.28
CA ASN A 67 -1.63 -26.61 -1.95
C ASN A 67 -3.04 -26.32 -1.53
N VAL A 68 -3.48 -25.11 -1.83
CA VAL A 68 -4.82 -24.64 -1.49
C VAL A 68 -5.42 -23.91 -2.68
N LYS A 69 -6.66 -24.24 -3.01
CA LYS A 69 -7.34 -23.57 -4.10
C LYS A 69 -8.55 -22.92 -3.44
N ASN A 70 -8.78 -21.66 -3.79
CA ASN A 70 -9.89 -20.90 -3.25
C ASN A 70 -10.66 -20.31 -4.42
N LYS A 71 -11.77 -20.94 -4.81
CA LYS A 71 -12.53 -20.43 -5.95
C LYS A 71 -13.77 -19.66 -5.56
N MET A 72 -14.21 -18.78 -6.45
CA MET A 72 -15.39 -17.98 -6.22
C MET A 72 -16.17 -17.81 -7.53
N GLY A 73 -17.49 -17.98 -7.45
CA GLY A 73 -18.31 -17.81 -8.63
C GLY A 73 -18.49 -16.34 -8.85
N VAL A 74 -18.25 -15.88 -10.07
CA VAL A 74 -18.41 -14.47 -10.39
C VAL A 74 -19.23 -14.34 -11.67
N PRO A 75 -20.25 -13.47 -11.66
CA PRO A 75 -21.12 -13.26 -12.82
C PRO A 75 -20.43 -12.65 -14.03
N TRP A 76 -20.82 -13.10 -15.22
CA TRP A 76 -20.28 -12.55 -16.46
C TRP A 76 -20.79 -11.12 -16.54
N VAL A 77 -19.98 -10.22 -17.08
CA VAL A 77 -20.39 -8.84 -17.23
C VAL A 77 -20.15 -8.47 -18.68
N SER A 78 -21.23 -8.26 -19.43
CA SER A 78 -21.12 -7.94 -20.84
C SER A 78 -20.94 -6.46 -21.14
N VAL A 79 -20.39 -6.21 -22.32
CA VAL A 79 -20.15 -4.86 -22.83
C VAL A 79 -20.42 -5.04 -24.32
N GLU A 80 -21.70 -5.11 -24.68
CA GLU A 80 -22.09 -5.34 -26.07
C GLU A 80 -21.33 -4.52 -27.11
N GLU A 81 -21.10 -3.24 -26.82
CA GLU A 81 -20.43 -2.38 -27.79
C GLU A 81 -19.06 -2.92 -28.16
N LEU A 82 -18.35 -3.54 -27.20
CA LEU A 82 -17.05 -4.03 -27.52
C LEU A 82 -17.03 -5.56 -27.64
N GLY A 83 -18.20 -6.17 -27.52
CA GLY A 83 -18.31 -7.62 -27.60
C GLY A 83 -17.54 -8.31 -26.47
N GLN A 84 -17.37 -7.59 -25.36
CA GLN A 84 -16.63 -8.14 -24.24
C GLN A 84 -17.52 -8.84 -23.21
N GLU A 85 -16.95 -9.88 -22.59
CA GLU A 85 -17.61 -10.67 -21.56
C GLU A 85 -16.54 -10.73 -20.47
N ILE A 86 -16.68 -9.86 -19.49
CA ILE A 86 -15.72 -9.74 -18.41
C ILE A 86 -16.10 -10.43 -17.11
N ILE A 87 -15.11 -10.93 -16.40
CA ILE A 87 -15.32 -11.51 -15.10
C ILE A 87 -14.26 -10.82 -14.27
N THR A 88 -14.69 -10.17 -13.19
CA THR A 88 -13.76 -9.47 -12.31
C THR A 88 -14.04 -9.85 -10.87
N GLY A 89 -12.98 -9.88 -10.07
CA GLY A 89 -13.17 -10.24 -8.69
C GLY A 89 -11.96 -10.00 -7.81
N ARG A 90 -12.23 -9.76 -6.54
CA ARG A 90 -11.17 -9.51 -5.58
C ARG A 90 -10.91 -10.83 -4.87
N LEU A 91 -9.79 -11.47 -5.18
CA LEU A 91 -9.43 -12.73 -4.56
C LEU A 91 -9.29 -12.55 -3.06
N PRO A 92 -9.67 -13.57 -2.29
CA PRO A 92 -9.56 -13.46 -0.84
C PRO A 92 -8.17 -13.86 -0.42
N PHE A 93 -7.20 -13.01 -0.73
CA PHE A 93 -5.81 -13.31 -0.38
C PHE A 93 -5.73 -13.81 1.05
N PRO A 94 -5.01 -14.92 1.26
CA PRO A 94 -4.85 -15.54 2.57
C PRO A 94 -4.06 -14.80 3.61
N SER A 95 -3.01 -14.09 3.20
CA SER A 95 -2.20 -13.39 4.18
C SER A 95 -1.69 -12.06 3.64
N VAL A 96 -1.06 -11.26 4.49
CA VAL A 96 -0.54 -9.98 4.02
C VAL A 96 0.50 -10.28 2.97
N GLY A 97 0.37 -9.65 1.81
CA GLY A 97 1.31 -9.88 0.73
C GLY A 97 2.75 -9.69 1.12
N GLY A 98 3.02 -8.51 1.67
CA GLY A 98 4.37 -8.17 2.09
C GLY A 98 4.56 -6.69 2.36
N THR A 99 5.80 -6.34 2.63
CA THR A 99 6.20 -4.97 2.93
C THR A 99 6.91 -4.39 1.72
N PRO A 100 7.06 -3.05 1.66
CA PRO A 100 7.76 -2.52 0.48
C PRO A 100 9.19 -3.08 0.39
N VAL A 101 9.77 -3.48 1.52
CA VAL A 101 11.12 -4.04 1.57
C VAL A 101 11.26 -5.42 0.92
N ASN A 102 10.20 -6.24 1.01
CA ASN A 102 10.21 -7.58 0.42
C ASN A 102 10.62 -7.59 -1.06
N ASP A 103 10.88 -8.79 -1.57
CA ASP A 103 11.27 -8.95 -2.97
C ASP A 103 10.00 -9.07 -3.82
N LEU A 104 10.07 -9.87 -4.88
CA LEU A 104 8.92 -10.06 -5.73
C LEU A 104 8.45 -11.50 -5.59
N VAL A 105 7.24 -11.77 -6.06
CA VAL A 105 6.71 -13.13 -6.03
C VAL A 105 6.37 -13.41 -7.46
N ARG A 106 6.75 -14.56 -7.98
CA ARG A 106 6.38 -14.81 -9.36
C ARG A 106 5.04 -15.51 -9.34
N VAL A 107 4.10 -15.04 -10.14
CA VAL A 107 2.80 -15.67 -10.16
C VAL A 107 2.51 -16.26 -11.52
N LEU A 108 1.63 -17.25 -11.52
CA LEU A 108 1.24 -17.87 -12.77
C LEU A 108 -0.24 -17.55 -12.88
N VAL A 109 -0.64 -16.91 -13.98
CA VAL A 109 -2.04 -16.59 -14.15
C VAL A 109 -2.62 -17.49 -15.23
N VAL A 110 -3.61 -18.30 -14.89
CA VAL A 110 -4.17 -19.18 -15.90
C VAL A 110 -5.58 -18.78 -16.30
N ALA A 111 -5.92 -19.02 -17.55
CA ALA A 111 -7.25 -18.72 -18.05
C ALA A 111 -7.63 -19.93 -18.91
N GLU A 112 -8.70 -20.60 -18.51
CA GLU A 112 -9.13 -21.77 -19.26
C GLU A 112 -10.65 -21.86 -19.33
N SER A 113 -11.13 -22.91 -19.96
CA SER A 113 -12.55 -23.14 -20.07
C SER A 113 -12.70 -24.57 -20.55
N ASN A 114 -13.92 -25.08 -20.56
CA ASN A 114 -14.13 -26.44 -21.01
C ASN A 114 -13.92 -26.49 -22.52
N THR A 115 -13.59 -27.69 -23.01
CA THR A 115 -13.40 -27.93 -24.44
C THR A 115 -14.76 -28.27 -25.03
N PRO A 116 -15.40 -27.31 -25.72
CA PRO A 116 -16.72 -27.62 -26.29
C PRO A 116 -16.67 -28.85 -27.19
N GLU A 117 -17.72 -29.68 -27.12
CA GLU A 117 -17.78 -30.91 -27.92
C GLU A 117 -17.62 -30.69 -29.42
N GLU A 118 -18.02 -29.53 -29.91
CA GLU A 118 -17.90 -29.21 -31.33
C GLU A 118 -17.13 -27.92 -31.55
N THR A 119 -16.22 -27.94 -32.51
CA THR A 119 -15.39 -26.78 -32.82
C THR A 119 -16.21 -25.51 -33.01
N PRO A 120 -15.94 -24.48 -32.20
CA PRO A 120 -16.61 -23.19 -32.22
C PRO A 120 -16.16 -22.24 -33.32
N GLU A 121 -16.89 -21.12 -33.44
CA GLU A 121 -16.58 -20.10 -34.43
C GLU A 121 -15.22 -19.49 -34.07
N GLU A 122 -15.22 -18.64 -33.04
CA GLU A 122 -13.98 -18.01 -32.60
C GLU A 122 -13.11 -19.01 -31.89
N GLU A 123 -11.92 -18.55 -31.49
CA GLU A 123 -10.99 -19.39 -30.77
C GLU A 123 -10.96 -18.83 -29.36
N PHE A 124 -10.47 -19.63 -28.41
CA PHE A 124 -10.40 -19.17 -27.03
C PHE A 124 -9.47 -17.97 -26.90
N TYR A 125 -9.93 -16.96 -26.15
CA TYR A 125 -9.13 -15.76 -25.93
C TYR A 125 -9.50 -15.07 -24.63
N ALA A 126 -8.50 -14.50 -23.95
CA ALA A 126 -8.76 -13.83 -22.69
C ALA A 126 -7.65 -12.89 -22.27
N TYR A 127 -7.96 -11.61 -22.11
CA TYR A 127 -6.96 -10.65 -21.64
C TYR A 127 -7.18 -10.60 -20.13
N VAL A 128 -6.09 -10.71 -19.37
CA VAL A 128 -6.17 -10.72 -17.94
C VAL A 128 -5.27 -9.70 -17.27
N GLU A 129 -5.84 -8.85 -16.44
CA GLU A 129 -5.03 -7.87 -15.76
C GLU A 129 -5.20 -7.96 -14.26
N LEU A 130 -4.14 -7.63 -13.54
CA LEU A 130 -4.16 -7.63 -12.10
C LEU A 130 -3.99 -6.15 -11.80
N GLN A 131 -5.04 -5.49 -11.34
CA GLN A 131 -4.89 -4.07 -11.07
C GLN A 131 -4.96 -3.61 -9.62
N THR A 132 -3.97 -2.80 -9.27
CA THR A 132 -3.87 -2.25 -7.93
C THR A 132 -4.19 -0.77 -8.05
N GLU A 133 -4.17 -0.07 -6.91
CA GLU A 133 -4.48 1.36 -6.89
C GLU A 133 -3.65 2.18 -7.89
N LEU A 134 -2.32 2.05 -7.83
CA LEU A 134 -1.43 2.83 -8.70
C LEU A 134 -1.03 2.21 -10.03
N TYR A 135 -0.81 0.91 -10.05
CA TYR A 135 -0.39 0.27 -11.27
C TYR A 135 -1.31 -0.88 -11.66
N THR A 136 -1.42 -1.13 -12.96
CA THR A 136 -2.23 -2.24 -13.42
C THR A 136 -1.29 -3.16 -14.18
N PHE A 137 -1.03 -4.33 -13.59
CA PHE A 137 -0.17 -5.31 -14.23
C PHE A 137 -0.98 -6.09 -15.24
N GLY A 138 -0.78 -5.79 -16.51
CA GLY A 138 -1.49 -6.48 -17.56
C GLY A 138 -0.65 -7.69 -17.93
N LEU A 139 -1.30 -8.83 -18.10
CA LEU A 139 -0.60 -10.05 -18.48
C LEU A 139 -0.64 -10.08 -19.99
N SER A 140 0.43 -9.56 -20.60
CA SER A 140 0.55 -9.47 -22.05
C SER A 140 1.12 -10.70 -22.73
N ASP A 141 1.13 -10.65 -24.05
CA ASP A 141 1.66 -11.72 -24.87
C ASP A 141 3.09 -11.95 -24.45
N ASP A 142 3.75 -10.90 -23.98
CA ASP A 142 5.14 -10.98 -23.55
C ASP A 142 5.22 -11.76 -22.24
N ASN A 143 4.06 -12.09 -21.66
CA ASN A 143 4.03 -12.81 -20.40
C ASN A 143 3.60 -14.27 -20.56
N VAL A 144 3.02 -14.59 -21.71
CA VAL A 144 2.56 -15.95 -21.98
C VAL A 144 3.68 -16.98 -21.90
N VAL A 145 3.46 -18.04 -21.13
CA VAL A 145 4.45 -19.11 -21.01
C VAL A 145 3.84 -20.43 -21.45
N PHE A 146 2.63 -20.36 -21.99
CA PHE A 146 1.92 -21.54 -22.48
C PHE A 146 0.55 -21.19 -23.04
N THR A 147 0.08 -21.98 -24.00
CA THR A 147 -1.25 -21.80 -24.61
C THR A 147 -1.77 -23.17 -25.05
N SER A 148 -3.08 -23.27 -25.22
CA SER A 148 -3.71 -24.51 -25.63
C SER A 148 -4.99 -24.08 -26.32
N ASP A 149 -5.71 -25.02 -26.90
CA ASP A 149 -6.95 -24.66 -27.57
C ASP A 149 -7.88 -23.93 -26.61
N TYR A 150 -7.78 -24.29 -25.33
CA TYR A 150 -8.65 -23.70 -24.33
C TYR A 150 -7.96 -23.44 -23.00
N MET A 151 -6.77 -22.88 -23.05
CA MET A 151 -6.03 -22.55 -21.85
C MET A 151 -4.84 -21.69 -22.20
N THR A 152 -4.56 -20.72 -21.35
CA THR A 152 -3.41 -19.85 -21.54
C THR A 152 -2.83 -19.61 -20.15
N VAL A 153 -1.52 -19.58 -20.07
CA VAL A 153 -0.88 -19.36 -18.80
C VAL A 153 0.15 -18.26 -18.96
N TRP A 154 0.05 -17.26 -18.10
CA TRP A 154 1.00 -16.16 -18.14
C TRP A 154 1.85 -16.28 -16.92
N MET A 155 2.83 -15.41 -16.82
CA MET A 155 3.76 -15.44 -15.73
C MET A 155 4.26 -14.03 -15.57
N ILE A 156 4.47 -13.63 -14.32
CA ILE A 156 4.91 -12.28 -14.07
C ILE A 156 5.38 -12.10 -12.63
N ASP A 157 6.36 -11.23 -12.44
CA ASP A 157 6.90 -10.94 -11.13
C ASP A 157 6.26 -9.64 -10.69
N ILE A 158 5.82 -9.62 -9.44
CA ILE A 158 5.16 -8.47 -8.89
C ILE A 158 5.69 -8.31 -7.48
N PRO A 159 5.83 -7.06 -7.02
CA PRO A 159 6.32 -6.88 -5.65
C PRO A 159 5.29 -7.51 -4.75
N LYS A 160 5.75 -8.34 -3.80
CA LYS A 160 4.84 -9.01 -2.88
C LYS A 160 3.75 -8.13 -2.29
N SER A 161 4.10 -6.96 -1.76
CA SER A 161 3.10 -6.09 -1.15
C SER A 161 1.91 -5.71 -2.06
N TYR A 162 2.09 -5.76 -3.38
CA TYR A 162 0.97 -5.44 -4.28
C TYR A 162 -0.03 -6.59 -4.33
N VAL A 163 0.42 -7.80 -4.02
CA VAL A 163 -0.44 -8.97 -4.07
C VAL A 163 -1.15 -9.16 -2.74
N ASP A 164 -2.26 -8.45 -2.60
CA ASP A 164 -3.01 -8.52 -1.37
C ASP A 164 -4.37 -7.91 -1.68
N VAL A 165 -5.22 -7.83 -0.67
CA VAL A 165 -6.51 -7.20 -0.85
C VAL A 165 -6.21 -5.85 -1.46
N GLY A 166 -6.93 -5.48 -2.50
CA GLY A 166 -6.68 -4.21 -3.14
C GLY A 166 -6.38 -4.50 -4.59
N MET A 167 -5.87 -5.70 -4.83
CA MET A 167 -5.59 -6.11 -6.19
C MET A 167 -6.88 -6.71 -6.75
N LEU A 168 -7.37 -6.11 -7.82
CA LEU A 168 -8.58 -6.62 -8.45
C LEU A 168 -8.13 -7.51 -9.61
N THR A 169 -8.80 -8.63 -9.80
CA THR A 169 -8.44 -9.51 -10.91
C THR A 169 -9.54 -9.33 -11.96
N ARG A 170 -9.12 -8.93 -13.15
CA ARG A 170 -10.04 -8.66 -14.24
C ARG A 170 -9.74 -9.48 -15.51
N ALA A 171 -10.74 -10.23 -15.98
CA ALA A 171 -10.56 -11.05 -17.16
C ALA A 171 -11.59 -10.73 -18.23
N THR A 172 -11.10 -10.21 -19.35
CA THR A 172 -11.98 -9.87 -20.45
C THR A 172 -11.96 -11.04 -21.43
N PHE A 173 -13.13 -11.45 -21.92
CA PHE A 173 -13.25 -12.53 -22.89
C PHE A 173 -14.11 -11.99 -24.03
N LEU A 174 -14.36 -12.81 -25.05
CA LEU A 174 -15.18 -12.34 -26.16
C LEU A 174 -16.45 -13.16 -26.34
N GLU A 175 -16.50 -14.31 -25.68
CA GLU A 175 -17.66 -15.19 -25.71
C GLU A 175 -17.80 -15.64 -24.25
N GLN A 176 -19.00 -16.05 -23.85
CA GLN A 176 -19.16 -16.51 -22.48
C GLN A 176 -18.77 -17.99 -22.41
N TRP A 177 -17.50 -18.24 -22.71
CA TRP A 177 -16.96 -19.60 -22.67
C TRP A 177 -17.40 -20.45 -21.48
N PRO A 178 -18.15 -21.53 -21.73
CA PRO A 178 -18.61 -22.43 -20.66
C PRO A 178 -17.39 -22.97 -19.92
N GLY A 179 -17.40 -22.86 -18.59
CA GLY A 179 -16.26 -23.35 -17.82
C GLY A 179 -15.15 -22.33 -17.64
N ALA A 180 -15.34 -21.14 -18.18
CA ALA A 180 -14.35 -20.09 -18.08
C ALA A 180 -13.97 -19.87 -16.62
N LYS A 181 -12.69 -19.66 -16.38
CA LYS A 181 -12.20 -19.41 -15.05
C LYS A 181 -10.76 -18.92 -15.14
N VAL A 182 -10.43 -17.96 -14.29
CA VAL A 182 -9.10 -17.40 -14.27
C VAL A 182 -8.51 -17.80 -12.94
N THR A 183 -7.29 -18.32 -12.95
CA THR A 183 -6.67 -18.73 -11.71
C THR A 183 -5.36 -17.96 -11.53
N VAL A 184 -5.02 -17.71 -10.28
CA VAL A 184 -3.81 -17.00 -9.98
C VAL A 184 -3.07 -17.83 -8.94
N MET A 185 -2.00 -18.48 -9.37
CA MET A 185 -1.20 -19.30 -8.47
C MET A 185 -0.20 -18.38 -7.81
N ILE A 186 -0.31 -18.28 -6.49
CA ILE A 186 0.54 -17.38 -5.73
C ILE A 186 1.39 -18.08 -4.68
N PRO A 187 2.68 -18.24 -4.96
CA PRO A 187 3.52 -18.89 -3.95
C PRO A 187 3.72 -17.96 -2.76
N TYR A 188 3.73 -18.52 -1.55
CA TYR A 188 3.93 -17.73 -0.34
C TYR A 188 5.22 -18.15 0.33
N SER A 189 5.62 -19.39 0.04
CA SER A 189 6.84 -19.98 0.55
C SER A 189 7.30 -20.99 -0.49
N SER A 190 8.42 -21.64 -0.21
CA SER A 190 8.98 -22.63 -1.11
C SER A 190 8.09 -23.86 -1.17
N THR A 191 7.39 -24.13 -0.07
CA THR A 191 6.53 -25.30 0.05
C THR A 191 5.04 -24.99 0.06
N PHE A 192 4.68 -23.73 -0.16
CA PHE A 192 3.27 -23.36 -0.13
C PHE A 192 2.83 -22.43 -1.23
N THR A 193 1.87 -22.89 -2.03
CA THR A 193 1.33 -22.12 -3.13
C THR A 193 -0.19 -22.09 -2.97
N TRP A 194 -0.74 -20.89 -2.96
CA TRP A 194 -2.17 -20.71 -2.81
C TRP A 194 -2.72 -20.32 -4.17
N CYS A 195 -3.82 -20.93 -4.60
CA CYS A 195 -4.40 -20.59 -5.89
C CYS A 195 -5.77 -19.93 -5.79
N GLY A 196 -5.88 -18.70 -6.32
CA GLY A 196 -7.14 -17.98 -6.29
C GLY A 196 -7.87 -18.15 -7.60
N GLU A 197 -8.98 -18.88 -7.58
CA GLU A 197 -9.74 -19.12 -8.80
C GLU A 197 -11.01 -18.29 -8.95
N LEU A 198 -11.18 -17.64 -10.09
CA LEU A 198 -12.39 -16.87 -10.38
C LEU A 198 -13.21 -17.65 -11.40
N GLY A 199 -14.20 -18.41 -10.95
CA GLY A 199 -15.01 -19.16 -11.89
C GLY A 199 -16.21 -18.38 -12.39
N ALA A 200 -16.34 -18.22 -13.70
CA ALA A 200 -17.46 -17.47 -14.26
C ALA A 200 -18.78 -18.20 -14.07
N ILE A 201 -19.84 -17.44 -13.81
CA ILE A 201 -21.17 -18.01 -13.64
C ILE A 201 -22.19 -17.11 -14.34
N SER A 202 -23.39 -17.64 -14.55
CA SER A 202 -24.47 -16.93 -15.23
C SER A 202 -24.44 -15.44 -14.98
N GLU A 203 -24.65 -14.66 -16.04
CA GLU A 203 -24.66 -13.22 -15.91
C GLU A 203 -25.78 -12.76 -14.98
N GLU A 204 -26.80 -13.59 -14.82
CA GLU A 204 -27.94 -13.27 -13.97
C GLU A 204 -27.75 -13.78 -12.55
N SER A 205 -26.66 -14.51 -12.32
CA SER A 205 -26.39 -15.02 -10.99
C SER A 205 -25.82 -13.92 -10.11
N ALA A 206 -25.79 -14.19 -8.82
CA ALA A 206 -25.23 -13.25 -7.87
C ALA A 206 -23.84 -13.75 -7.55
N PRO A 207 -22.94 -12.86 -7.15
CA PRO A 207 -21.58 -13.30 -6.83
C PRO A 207 -21.60 -14.40 -5.76
N GLN A 208 -20.81 -15.43 -5.96
CA GLN A 208 -20.75 -16.51 -4.99
C GLN A 208 -19.33 -16.67 -4.47
N PRO A 209 -18.96 -15.87 -3.47
CA PRO A 209 -17.61 -15.97 -2.92
C PRO A 209 -17.48 -17.20 -2.03
N SER A 210 -16.24 -17.56 -1.70
CA SER A 210 -16.02 -18.72 -0.85
C SER A 210 -16.10 -18.30 0.62
N LEU A 211 -16.13 -19.29 1.49
CA LEU A 211 -16.19 -19.01 2.91
C LEU A 211 -14.78 -18.62 3.33
N SER A 212 -14.45 -17.37 3.07
CA SER A 212 -13.12 -16.86 3.39
C SER A 212 -13.29 -15.54 4.11
N ALA A 213 -12.87 -15.51 5.36
CA ALA A 213 -13.00 -14.31 6.16
C ALA A 213 -11.64 -13.77 6.59
N ARG A 214 -11.58 -12.46 6.77
CA ARG A 214 -10.37 -11.77 7.21
C ARG A 214 -10.81 -11.26 8.57
N SER A 215 -9.94 -11.32 9.57
CA SER A 215 -10.36 -10.90 10.90
C SER A 215 -9.36 -10.07 11.71
N PRO A 216 -9.72 -8.82 12.04
CA PRO A 216 -8.80 -8.00 12.83
C PRO A 216 -8.96 -8.48 14.26
N VAL A 217 -8.18 -9.48 14.63
CA VAL A 217 -8.24 -10.03 15.97
C VAL A 217 -7.92 -8.99 17.02
N CYS A 218 -7.04 -8.05 16.68
CA CYS A 218 -6.65 -7.02 17.64
C CYS A 218 -7.23 -5.63 17.36
N LYS A 219 -8.54 -5.59 17.11
CA LYS A 219 -9.27 -4.36 16.85
C LYS A 219 -9.19 -3.48 18.11
N ASN A 220 -8.87 -2.21 17.91
CA ASN A 220 -8.70 -1.26 19.02
C ASN A 220 -7.46 -1.71 19.79
N SER A 221 -6.35 -1.87 19.07
CA SER A 221 -5.10 -2.32 19.67
C SER A 221 -4.64 -1.51 20.88
N ALA A 222 -5.10 -0.27 20.98
CA ALA A 222 -4.72 0.57 22.11
C ALA A 222 -5.22 -0.06 23.41
N ARG A 223 -6.19 -0.95 23.27
CA ARG A 223 -6.77 -1.64 24.42
C ARG A 223 -5.75 -2.56 25.08
N TYR A 224 -4.92 -3.18 24.24
CA TYR A 224 -3.93 -4.14 24.70
C TYR A 224 -2.56 -3.56 25.02
N SER A 225 -2.49 -2.25 25.26
CA SER A 225 -1.20 -1.62 25.56
C SER A 225 -0.78 -1.88 27.00
N THR A 226 -1.74 -2.14 27.87
CA THR A 226 -1.46 -2.43 29.28
C THR A 226 -2.38 -3.57 29.69
N SER A 227 -2.25 -4.02 30.94
CA SER A 227 -3.07 -5.12 31.42
C SER A 227 -4.28 -4.66 32.23
N LYS A 228 -4.71 -3.43 32.00
CA LYS A 228 -5.86 -2.87 32.69
C LYS A 228 -7.15 -3.61 32.37
N PHE A 229 -7.22 -4.16 31.16
CA PHE A 229 -8.42 -4.88 30.72
C PHE A 229 -8.31 -6.39 30.63
N CYS A 230 -7.38 -7.00 31.36
CA CYS A 230 -7.24 -8.45 31.31
C CYS A 230 -8.34 -9.23 32.00
N GLU A 231 -8.77 -8.75 33.17
CA GLU A 231 -9.81 -9.42 33.94
C GLU A 231 -11.11 -9.40 33.16
N VAL A 232 -11.47 -8.21 32.68
CA VAL A 232 -12.69 -8.05 31.92
C VAL A 232 -12.68 -8.92 30.67
N ASP A 233 -11.70 -8.69 29.78
CA ASP A 233 -11.58 -9.47 28.53
C ASP A 233 -11.43 -10.96 28.76
N GLY A 234 -11.42 -11.38 30.02
CA GLY A 234 -11.29 -12.80 30.32
C GLY A 234 -9.97 -13.37 29.84
N CYS A 235 -8.90 -12.58 29.92
CA CYS A 235 -7.57 -13.03 29.51
C CYS A 235 -6.62 -13.06 30.68
N THR A 236 -6.86 -13.97 31.60
CA THR A 236 -6.02 -14.08 32.78
C THR A 236 -5.36 -15.45 32.79
N ALA A 237 -4.91 -15.89 33.95
CA ALA A 237 -4.30 -17.20 34.08
C ALA A 237 -5.39 -18.13 34.56
N GLU A 238 -6.46 -17.53 35.08
CA GLU A 238 -7.61 -18.29 35.57
C GLU A 238 -8.24 -18.94 34.35
N THR A 239 -8.15 -18.24 33.22
CA THR A 239 -8.69 -18.71 31.95
C THR A 239 -7.62 -19.32 31.06
N GLY A 240 -6.38 -19.31 31.53
CA GLY A 240 -5.30 -19.87 30.74
C GLY A 240 -5.07 -19.05 29.48
N MET A 241 -5.37 -17.76 29.58
CA MET A 241 -5.20 -16.86 28.45
C MET A 241 -5.93 -17.39 27.24
N GLU A 242 -7.22 -17.67 27.40
CA GLU A 242 -8.04 -18.18 26.31
C GLU A 242 -9.44 -17.57 26.22
N LYS A 243 -9.62 -16.64 25.29
CA LYS A 243 -10.90 -16.03 25.03
C LYS A 243 -11.18 -16.46 23.60
N MET A 244 -11.76 -17.64 23.47
CA MET A 244 -12.05 -18.19 22.16
C MET A 244 -13.29 -17.61 21.52
N SER A 245 -13.27 -17.59 20.20
CA SER A 245 -14.39 -17.07 19.42
C SER A 245 -14.51 -17.96 18.19
N LEU A 246 -15.75 -18.30 17.84
CA LEU A 246 -16.02 -19.15 16.70
C LEU A 246 -15.73 -18.34 15.44
N LEU A 247 -15.04 -18.96 14.50
CA LEU A 247 -14.72 -18.31 13.23
C LEU A 247 -15.70 -18.86 12.22
N THR A 248 -15.94 -20.17 12.31
CA THR A 248 -16.86 -20.85 11.40
C THR A 248 -18.27 -20.38 11.69
N PRO A 249 -18.92 -19.79 10.68
CA PRO A 249 -20.29 -19.29 10.84
C PRO A 249 -21.36 -20.37 10.95
N PHE A 250 -22.30 -20.13 11.86
CA PHE A 250 -23.40 -21.04 12.11
C PHE A 250 -22.88 -22.44 12.44
N GLY A 251 -23.80 -23.39 12.48
CA GLY A 251 -23.46 -24.77 12.71
C GLY A 251 -23.46 -25.40 11.33
N GLY A 252 -22.80 -24.72 10.39
CA GLY A 252 -22.72 -25.21 9.03
C GLY A 252 -21.62 -26.23 8.81
N PRO A 253 -20.50 -25.82 8.18
CA PRO A 253 -19.41 -26.76 7.94
C PRO A 253 -19.13 -27.63 9.16
N PRO A 254 -19.06 -28.94 8.98
CA PRO A 254 -18.80 -29.84 10.10
C PRO A 254 -17.53 -29.55 10.91
N GLN A 255 -16.58 -28.80 10.35
CA GLN A 255 -15.35 -28.47 11.07
C GLN A 255 -15.45 -27.06 11.62
N GLN A 256 -15.41 -26.92 12.94
CA GLN A 256 -15.50 -25.60 13.55
C GLN A 256 -14.13 -25.05 13.93
N ALA A 257 -13.85 -23.82 13.51
CA ALA A 257 -12.57 -23.21 13.83
C ALA A 257 -12.80 -22.07 14.83
N LYS A 258 -11.85 -21.89 15.74
CA LYS A 258 -11.97 -20.83 16.74
C LYS A 258 -10.69 -20.01 16.84
N MET A 259 -10.82 -18.73 17.17
CA MET A 259 -9.64 -17.88 17.33
C MET A 259 -9.56 -17.42 18.79
N ASN A 260 -8.37 -17.01 19.21
CA ASN A 260 -8.15 -16.55 20.56
C ASN A 260 -7.79 -15.07 20.47
N THR A 261 -8.39 -14.24 21.32
CA THR A 261 -8.09 -12.81 21.29
C THR A 261 -7.03 -12.44 22.30
N CYS A 262 -6.76 -13.31 23.25
CA CYS A 262 -5.75 -13.00 24.25
C CYS A 262 -4.36 -12.77 23.67
N PRO A 263 -4.02 -13.40 22.54
CA PRO A 263 -2.68 -13.15 22.02
C PRO A 263 -2.31 -11.68 21.83
N CYS A 264 -3.32 -10.85 21.58
CA CYS A 264 -3.10 -9.42 21.39
C CYS A 264 -2.37 -8.80 22.57
N TYR A 265 -2.73 -9.20 23.78
CA TYR A 265 -2.07 -8.67 24.96
C TYR A 265 -0.59 -8.96 24.87
N TYR A 266 -0.24 -10.21 24.59
CA TYR A 266 1.15 -10.58 24.49
C TYR A 266 1.85 -9.91 23.32
N LYS A 267 1.07 -9.29 22.44
CA LYS A 267 1.67 -8.62 21.30
C LYS A 267 1.89 -7.13 21.50
N TYR A 268 0.96 -6.49 22.19
CA TYR A 268 1.02 -5.05 22.39
C TYR A 268 1.28 -4.54 23.80
N SER A 269 0.96 -5.36 24.80
CA SER A 269 1.11 -4.94 26.18
C SER A 269 2.53 -4.78 26.66
N VAL A 270 2.78 -3.64 27.30
CA VAL A 270 4.10 -3.38 27.86
C VAL A 270 4.01 -3.62 29.36
N SER A 271 2.88 -4.15 29.80
CA SER A 271 2.67 -4.49 31.20
C SER A 271 3.10 -5.93 31.39
N PRO A 272 3.41 -6.32 32.63
CA PRO A 272 3.81 -7.71 32.86
C PRO A 272 2.59 -8.62 32.68
N LEU A 273 2.75 -9.67 31.88
CA LEU A 273 1.68 -10.63 31.60
C LEU A 273 2.01 -12.01 32.15
N PRO A 274 1.01 -12.89 32.24
CA PRO A 274 1.25 -14.25 32.76
C PRO A 274 2.42 -14.93 32.04
N ALA A 275 2.96 -15.96 32.66
CA ALA A 275 4.06 -16.69 32.06
C ALA A 275 3.56 -18.08 31.67
N MET A 276 3.66 -18.38 30.38
CA MET A 276 3.26 -19.69 29.85
C MET A 276 4.04 -19.95 28.59
N ASP A 277 4.59 -21.15 28.47
CA ASP A 277 5.41 -21.51 27.32
C ASP A 277 4.72 -21.35 25.98
N HIS A 278 3.39 -21.44 25.98
CA HIS A 278 2.64 -21.35 24.73
C HIS A 278 1.30 -20.65 24.87
N LEU A 279 0.76 -20.28 23.71
CA LEU A 279 -0.54 -19.65 23.59
C LEU A 279 -1.25 -20.44 22.49
N ILE A 280 -2.56 -20.38 22.48
CA ILE A 280 -3.29 -21.05 21.43
C ILE A 280 -3.84 -19.91 20.59
N LEU A 281 -3.34 -19.78 19.37
CA LEU A 281 -3.79 -18.71 18.50
C LEU A 281 -5.14 -19.04 17.90
N ALA A 282 -5.37 -20.34 17.73
CA ALA A 282 -6.60 -20.83 17.14
C ALA A 282 -6.63 -22.34 17.26
N ASP A 283 -7.78 -22.91 16.92
CA ASP A 283 -7.93 -24.35 16.95
C ASP A 283 -8.99 -24.75 15.93
N LEU A 284 -9.05 -26.04 15.65
CA LEU A 284 -9.96 -26.55 14.66
C LEU A 284 -10.48 -27.92 15.05
N ALA A 285 -11.80 -28.05 15.09
CA ALA A 285 -12.42 -29.31 15.44
C ALA A 285 -13.09 -29.90 14.20
N GLY A 286 -13.18 -31.22 14.16
CA GLY A 286 -13.81 -31.87 13.02
C GLY A 286 -12.84 -32.71 12.21
N LEU A 287 -11.64 -32.89 12.73
CA LEU A 287 -10.63 -33.67 12.02
C LEU A 287 -11.03 -35.11 11.76
N ASP A 288 -11.94 -35.65 12.56
CA ASP A 288 -12.36 -37.02 12.36
C ASP A 288 -13.15 -37.23 11.08
N SER A 289 -13.75 -36.16 10.57
CA SER A 289 -14.51 -36.29 9.34
C SER A 289 -13.82 -35.57 8.19
N LEU A 290 -12.74 -34.86 8.49
CA LEU A 290 -12.01 -34.14 7.45
C LEU A 290 -11.18 -35.09 6.60
N THR A 291 -11.48 -35.13 5.30
CA THR A 291 -10.81 -36.02 4.34
C THR A 291 -9.65 -35.41 3.56
N SER A 292 -9.20 -34.23 3.96
CA SER A 292 -8.08 -33.56 3.28
C SER A 292 -7.21 -32.84 4.28
N PRO A 293 -5.99 -32.46 3.89
CA PRO A 293 -5.08 -31.77 4.81
C PRO A 293 -5.45 -30.33 5.18
N VAL A 294 -5.00 -29.92 6.37
CA VAL A 294 -5.27 -28.57 6.84
C VAL A 294 -3.98 -27.77 6.72
N TYR A 295 -4.11 -26.51 6.32
CA TYR A 295 -2.93 -25.69 6.20
C TYR A 295 -3.04 -24.50 7.15
N VAL A 296 -1.89 -24.05 7.64
CA VAL A 296 -1.82 -22.93 8.54
C VAL A 296 -0.57 -22.10 8.23
N MET A 297 -0.77 -20.89 7.72
CA MET A 297 0.34 -20.03 7.37
C MET A 297 0.45 -18.85 8.34
N ALA A 298 1.67 -18.62 8.81
CA ALA A 298 1.94 -17.51 9.72
C ALA A 298 2.69 -16.44 8.95
N ALA A 299 2.39 -15.18 9.23
CA ALA A 299 3.09 -14.09 8.56
C ALA A 299 3.70 -13.33 9.71
N TYR A 300 5.03 -13.15 9.69
CA TYR A 300 5.75 -12.49 10.78
C TYR A 300 6.97 -11.71 10.34
N PHE A 301 7.43 -10.83 11.22
CA PHE A 301 8.62 -10.00 10.99
C PHE A 301 9.77 -10.61 11.78
N ASP A 302 10.97 -10.52 11.23
CA ASP A 302 12.14 -11.07 11.92
C ASP A 302 12.49 -10.22 13.14
N SER A 303 12.56 -10.88 14.28
CA SER A 303 12.88 -10.22 15.54
C SER A 303 14.21 -9.46 15.48
N THR A 304 15.31 -10.20 15.31
CA THR A 304 16.65 -9.65 15.26
C THR A 304 16.73 -8.16 14.98
N HIS A 305 16.92 -7.39 16.05
CA HIS A 305 17.02 -5.92 16.03
C HIS A 305 17.68 -5.33 14.77
N GLU A 306 17.08 -4.26 14.26
CA GLU A 306 17.58 -3.59 13.07
C GLU A 306 18.16 -2.22 13.43
N ASN A 307 18.45 -1.43 12.40
CA ASN A 307 19.00 -0.09 12.56
C ASN A 307 17.84 0.87 12.84
N PRO A 308 17.81 1.48 14.04
CA PRO A 308 16.72 2.42 14.36
C PRO A 308 16.56 3.55 13.36
N VAL A 309 17.63 3.88 12.65
CA VAL A 309 17.59 4.94 11.66
C VAL A 309 16.96 4.46 10.35
N ARG A 310 17.11 3.18 10.04
CA ARG A 310 16.56 2.60 8.82
C ARG A 310 15.91 1.23 9.11
N PRO A 311 14.85 1.22 9.93
CA PRO A 311 14.09 0.03 10.36
C PRO A 311 13.52 -0.85 9.24
N SER A 312 14.13 -0.82 8.06
CA SER A 312 13.67 -1.62 6.93
C SER A 312 13.60 -3.09 7.33
N SER A 313 12.37 -3.58 7.53
CA SER A 313 12.17 -4.97 7.92
C SER A 313 11.29 -5.73 6.93
N LYS A 314 11.68 -6.97 6.66
CA LYS A 314 10.99 -7.85 5.73
C LYS A 314 9.88 -8.65 6.41
N LEU A 315 8.87 -9.00 5.63
CA LEU A 315 7.77 -9.79 6.15
C LEU A 315 7.98 -11.24 5.71
N TYR A 316 7.84 -12.19 6.62
CA TYR A 316 8.01 -13.61 6.27
C TYR A 316 6.73 -14.42 6.32
N HIS A 317 6.72 -15.52 5.57
CA HIS A 317 5.58 -16.43 5.49
C HIS A 317 6.02 -17.87 5.63
N CYS A 318 5.34 -18.62 6.48
CA CYS A 318 5.64 -20.04 6.63
C CYS A 318 4.34 -20.81 6.77
N ALA A 319 4.22 -21.93 6.07
CA ALA A 319 3.02 -22.72 6.13
C ALA A 319 3.25 -24.09 6.73
N LEU A 320 2.35 -24.49 7.61
CA LEU A 320 2.40 -25.79 8.25
C LEU A 320 1.29 -26.63 7.65
N GLN A 321 1.46 -27.95 7.69
CA GLN A 321 0.46 -28.84 7.13
C GLN A 321 0.11 -29.97 8.07
N MET A 322 -1.18 -30.11 8.36
CA MET A 322 -1.69 -31.16 9.23
C MET A 322 -2.34 -32.22 8.36
N THR A 323 -1.90 -33.47 8.51
CA THR A 323 -2.46 -34.56 7.72
C THR A 323 -2.95 -35.70 8.59
N SER A 324 -4.04 -36.31 8.14
CA SER A 324 -4.69 -37.41 8.82
C SER A 324 -4.08 -38.74 8.44
N HIS A 325 -3.29 -39.30 9.35
CA HIS A 325 -2.67 -40.60 9.08
C HIS A 325 -3.31 -41.71 9.93
N ASP A 326 -4.33 -42.34 9.35
CA ASP A 326 -5.07 -43.41 9.99
C ASP A 326 -5.96 -42.89 11.11
N GLY A 327 -6.46 -41.68 10.94
CA GLY A 327 -7.31 -41.09 11.96
C GLY A 327 -6.50 -40.27 12.95
N VAL A 328 -5.17 -40.36 12.86
CA VAL A 328 -4.26 -39.60 13.74
C VAL A 328 -3.59 -38.45 12.99
N TRP A 329 -3.83 -37.23 13.46
CA TRP A 329 -3.27 -36.04 12.79
C TRP A 329 -1.90 -35.57 13.26
N THR A 330 -1.00 -35.41 12.28
CA THR A 330 0.37 -34.95 12.50
C THR A 330 0.69 -33.79 11.55
N SER A 331 1.70 -32.99 11.87
CA SER A 331 2.06 -31.85 11.02
C SER A 331 3.48 -31.87 10.50
N THR A 332 3.78 -30.98 9.57
CA THR A 332 5.12 -30.88 9.02
C THR A 332 5.96 -30.07 10.02
N SER A 333 7.25 -29.95 9.78
CA SER A 333 8.12 -29.23 10.70
C SER A 333 7.96 -27.73 10.68
N SER A 334 8.02 -27.13 11.86
CA SER A 334 7.89 -25.68 12.01
C SER A 334 9.27 -25.09 12.27
N GLU A 335 10.25 -25.54 11.49
CA GLU A 335 11.64 -25.13 11.61
C GLU A 335 11.86 -23.70 12.13
N GLN A 336 11.59 -22.70 11.31
CA GLN A 336 11.79 -21.31 11.73
C GLN A 336 10.45 -20.58 11.76
N CYS A 337 9.38 -21.36 11.89
CA CYS A 337 8.02 -20.84 11.93
C CYS A 337 7.64 -20.57 13.37
N PRO A 338 7.21 -19.35 13.69
CA PRO A 338 6.84 -19.02 15.08
C PRO A 338 5.68 -19.82 15.66
N ILE A 339 4.90 -20.46 14.80
CA ILE A 339 3.75 -21.25 15.22
C ILE A 339 3.95 -22.75 14.98
N ARG A 340 3.19 -23.57 15.69
CA ARG A 340 3.24 -25.03 15.51
C ARG A 340 1.85 -25.63 15.68
N LEU A 341 1.59 -26.75 15.02
CA LEU A 341 0.29 -27.41 15.14
C LEU A 341 0.40 -28.63 16.05
N VAL A 342 -0.52 -28.76 17.00
CA VAL A 342 -0.54 -29.90 17.90
C VAL A 342 -1.95 -30.48 18.00
N GLU A 343 -2.10 -31.61 18.68
CA GLU A 343 -3.40 -32.25 18.83
C GLU A 343 -4.23 -31.64 19.95
N GLY A 344 -5.51 -31.42 19.66
CA GLY A 344 -6.38 -30.85 20.67
C GLY A 344 -6.68 -31.83 21.78
N GLN A 345 -7.91 -31.75 22.28
CA GLN A 345 -8.31 -32.65 23.34
C GLN A 345 -8.52 -34.03 22.77
N SER A 346 -8.95 -34.10 21.52
CA SER A 346 -9.16 -35.37 20.86
C SER A 346 -8.35 -35.41 19.58
N GLN A 347 -8.48 -36.49 18.84
CA GLN A 347 -7.79 -36.61 17.58
C GLN A 347 -8.60 -35.77 16.61
N ASN A 348 -9.80 -35.40 17.05
CA ASN A 348 -10.71 -34.60 16.25
C ASN A 348 -10.36 -33.11 16.26
N VAL A 349 -9.60 -32.70 17.26
CA VAL A 349 -9.21 -31.31 17.38
C VAL A 349 -7.74 -31.06 17.13
N LEU A 350 -7.44 -29.85 16.67
CA LEU A 350 -6.08 -29.46 16.40
C LEU A 350 -5.93 -28.02 16.88
N GLN A 351 -4.71 -27.67 17.33
CA GLN A 351 -4.46 -26.31 17.80
C GLN A 351 -3.25 -25.67 17.14
N VAL A 352 -3.30 -24.34 17.02
CA VAL A 352 -2.16 -23.59 16.49
C VAL A 352 -1.51 -22.99 17.73
N ARG A 353 -0.28 -23.40 18.01
CA ARG A 353 0.41 -22.89 19.18
C ARG A 353 1.54 -21.94 18.84
N VAL A 354 1.83 -21.04 19.77
CA VAL A 354 2.88 -20.07 19.57
C VAL A 354 3.44 -19.62 20.91
N ALA A 355 4.69 -19.19 20.90
CA ALA A 355 5.33 -18.72 22.12
C ALA A 355 4.88 -17.28 22.33
N PRO A 356 4.43 -16.95 23.55
CA PRO A 356 3.97 -15.59 23.84
C PRO A 356 5.01 -14.58 23.38
N THR A 357 6.25 -14.95 23.62
CA THR A 357 7.40 -14.12 23.26
C THR A 357 7.43 -13.71 21.79
N SER A 358 6.86 -14.53 20.91
CA SER A 358 6.88 -14.20 19.48
C SER A 358 5.65 -13.47 18.96
N MET A 359 4.75 -13.07 19.86
CA MET A 359 3.56 -12.34 19.47
C MET A 359 3.85 -10.92 18.95
N PRO A 360 4.78 -10.20 19.60
CA PRO A 360 5.06 -8.85 19.11
C PRO A 360 5.36 -8.76 17.62
N ASN A 361 6.06 -9.75 17.08
CA ASN A 361 6.40 -9.75 15.66
C ASN A 361 5.49 -10.58 14.76
N LEU A 362 4.44 -11.15 15.33
CA LEU A 362 3.50 -11.94 14.54
C LEU A 362 2.52 -10.95 13.91
N VAL A 363 2.35 -11.08 12.60
CA VAL A 363 1.47 -10.23 11.82
C VAL A 363 0.09 -10.87 11.68
N GLY A 364 0.09 -12.17 11.40
CA GLY A 364 -1.16 -12.88 11.28
C GLY A 364 -0.98 -14.34 10.88
N VAL A 365 -2.02 -15.13 11.14
CA VAL A 365 -2.02 -16.54 10.80
C VAL A 365 -3.28 -16.83 10.00
N SER A 366 -3.15 -17.69 9.01
CA SER A 366 -4.27 -18.04 8.16
C SER A 366 -4.53 -19.53 8.26
N LEU A 367 -5.80 -19.88 8.39
CA LEU A 367 -6.20 -21.26 8.51
C LEU A 367 -6.91 -21.63 7.22
N MET A 368 -6.52 -22.76 6.61
CA MET A 368 -7.12 -23.17 5.35
C MET A 368 -7.45 -24.65 5.38
N LEU A 369 -8.67 -24.99 4.97
CA LEU A 369 -9.12 -26.38 4.96
C LEU A 369 -10.34 -26.52 4.05
N GLU A 370 -10.91 -27.71 3.99
CA GLU A 370 -12.06 -27.95 3.13
C GLU A 370 -13.22 -26.99 3.42
N GLY A 371 -13.55 -26.19 2.42
CA GLY A 371 -14.65 -25.25 2.53
C GLY A 371 -14.46 -23.99 3.33
N GLN A 372 -13.34 -23.86 4.04
CA GLN A 372 -13.11 -22.66 4.85
C GLN A 372 -11.70 -22.11 4.82
N GLN A 373 -11.58 -20.80 4.94
CA GLN A 373 -10.30 -20.12 4.98
C GLN A 373 -10.44 -18.92 5.92
N TYR A 374 -9.61 -18.88 6.96
CA TYR A 374 -9.67 -17.78 7.91
C TYR A 374 -8.33 -17.10 8.04
N ARG A 375 -8.30 -15.83 7.66
CA ARG A 375 -7.12 -14.98 7.71
C ARG A 375 -7.19 -14.20 9.02
N LEU A 376 -6.38 -14.59 9.99
CA LEU A 376 -6.34 -13.91 11.29
C LEU A 376 -5.23 -12.86 11.28
N GLU A 377 -5.57 -11.61 11.56
CA GLU A 377 -4.59 -10.51 11.57
C GLU A 377 -4.48 -9.91 12.97
N TYR A 378 -3.25 -9.66 13.41
CA TYR A 378 -3.02 -9.12 14.73
C TYR A 378 -2.78 -7.60 14.75
N PHE A 379 -2.82 -7.01 13.57
CA PHE A 379 -2.69 -5.56 13.42
C PHE A 379 -3.99 -5.13 12.76
N GLY A 380 -4.22 -3.84 12.65
CA GLY A 380 -5.45 -3.37 12.02
C GLY A 380 -6.63 -3.29 12.96
N ASP A 381 -7.50 -2.31 12.72
CA ASP A 381 -8.67 -2.10 13.57
C ASP A 381 -10.01 -2.42 12.90
N HIS A 382 -9.94 -3.01 11.70
CA HIS A 382 -11.15 -3.41 10.99
C HIS A 382 -10.78 -4.27 9.78
N HIS B 12 -2.32 31.77 13.76
CA HIS B 12 -3.27 30.70 13.34
C HIS B 12 -2.63 29.31 13.43
N SER B 13 -3.41 28.36 13.93
CA SER B 13 -2.95 26.99 14.11
C SER B 13 -2.83 26.20 12.82
N SER B 14 -3.37 26.74 11.74
CA SER B 14 -3.33 26.05 10.46
C SER B 14 -3.10 26.99 9.28
N GLY B 15 -2.74 26.42 8.15
CA GLY B 15 -2.51 27.23 6.97
C GLY B 15 -1.41 26.63 6.14
N VAL B 16 -1.18 27.22 4.97
CA VAL B 16 -0.15 26.75 4.06
C VAL B 16 0.69 27.95 3.65
N SER B 17 2.00 27.78 3.67
CA SER B 17 2.90 28.86 3.30
C SER B 17 4.08 28.36 2.47
N THR B 18 4.66 29.26 1.69
CA THR B 18 5.77 28.88 0.84
C THR B 18 6.91 29.88 0.93
N GLN B 19 8.05 29.50 0.37
CA GLN B 19 9.20 30.37 0.40
C GLN B 19 10.25 29.72 -0.48
N SER B 20 11.12 30.53 -1.08
CA SER B 20 12.18 29.97 -1.89
C SER B 20 13.18 29.43 -0.90
N VAL B 21 14.04 28.53 -1.35
CA VAL B 21 15.04 27.97 -0.46
C VAL B 21 16.37 27.91 -1.20
N ASP B 22 17.24 28.86 -0.88
CA ASP B 22 18.55 28.92 -1.51
C ASP B 22 19.54 28.32 -0.53
N LEU B 23 20.00 27.10 -0.82
CA LEU B 23 20.94 26.41 0.04
C LEU B 23 22.26 27.18 0.23
N SER B 24 22.54 28.11 -0.68
CA SER B 24 23.74 28.91 -0.62
C SER B 24 23.71 29.79 0.62
N GLN B 25 22.54 30.40 0.87
CA GLN B 25 22.39 31.28 2.02
C GLN B 25 21.93 30.52 3.26
N ILE B 26 22.30 29.26 3.37
CA ILE B 26 21.93 28.45 4.52
C ILE B 26 23.15 27.77 5.13
N LYS B 27 23.37 28.03 6.41
CA LYS B 27 24.51 27.47 7.13
C LYS B 27 24.76 25.99 6.82
N ARG B 28 25.77 25.73 5.99
CA ARG B 28 26.14 24.38 5.59
C ARG B 28 24.96 23.60 5.02
N GLY B 29 23.94 24.32 4.57
CA GLY B 29 22.77 23.67 4.01
C GLY B 29 23.17 22.64 2.98
N ASP B 30 24.18 22.97 2.19
CA ASP B 30 24.66 22.06 1.18
C ASP B 30 24.83 20.69 1.83
N GLU B 31 25.41 20.68 3.02
CA GLU B 31 25.66 19.47 3.78
C GLU B 31 24.42 18.90 4.44
N ILE B 32 23.62 19.76 5.06
CA ILE B 32 22.39 19.32 5.71
C ILE B 32 21.56 18.54 4.70
N GLN B 33 21.47 19.07 3.49
CA GLN B 33 20.70 18.42 2.45
C GLN B 33 21.19 17.00 2.21
N ALA B 34 22.49 16.88 1.95
CA ALA B 34 23.12 15.60 1.66
C ALA B 34 23.29 14.60 2.79
N HIS B 35 23.29 15.04 4.05
CA HIS B 35 23.48 14.11 5.15
C HIS B 35 22.34 14.01 6.15
N CYS B 36 21.39 14.91 6.07
CA CYS B 36 20.24 14.89 6.99
C CYS B 36 18.90 14.67 6.28
N LEU B 37 18.79 15.10 5.03
CA LEU B 37 17.56 14.96 4.28
C LEU B 37 17.71 14.06 3.06
N THR B 38 18.76 13.26 3.06
CA THR B 38 19.04 12.32 1.98
C THR B 38 19.39 11.02 2.71
N PRO B 39 18.92 9.88 2.20
CA PRO B 39 19.26 8.63 2.90
C PRO B 39 20.70 8.20 2.64
N ALA B 40 21.62 8.63 3.50
CA ALA B 40 23.04 8.30 3.36
C ALA B 40 23.50 7.38 4.49
N GLU B 41 24.52 7.81 5.23
CA GLU B 41 25.05 7.01 6.33
C GLU B 41 23.90 6.55 7.22
N THR B 42 23.96 5.28 7.63
CA THR B 42 22.92 4.71 8.47
C THR B 42 23.08 5.04 9.97
N GLU B 43 24.08 5.86 10.29
CA GLU B 43 24.34 6.24 11.68
C GLU B 43 24.04 7.74 11.85
N VAL B 44 23.63 8.15 13.04
CA VAL B 44 23.32 9.57 13.28
C VAL B 44 24.56 10.46 13.32
N THR B 45 25.73 9.85 13.36
CA THR B 45 26.99 10.59 13.42
C THR B 45 27.05 11.79 12.48
N GLU B 46 27.16 11.51 11.19
CA GLU B 46 27.26 12.54 10.17
C GLU B 46 26.28 13.71 10.31
N CYS B 47 24.99 13.43 10.13
CA CYS B 47 23.99 14.48 10.25
C CYS B 47 24.06 15.23 11.57
N ALA B 48 23.98 14.51 12.69
CA ALA B 48 24.02 15.13 14.00
C ALA B 48 25.22 16.06 14.19
N GLY B 49 26.27 15.82 13.42
CA GLY B 49 27.44 16.67 13.52
C GLY B 49 27.07 18.00 12.91
N ILE B 50 26.78 17.94 11.61
CA ILE B 50 26.41 19.10 10.82
C ILE B 50 25.34 19.99 11.47
N LEU B 51 24.36 19.37 12.13
CA LEU B 51 23.31 20.15 12.78
C LEU B 51 23.76 20.75 14.10
N LYS B 52 24.62 20.04 14.81
CA LYS B 52 25.13 20.52 16.09
C LYS B 52 25.84 21.84 15.87
N ASP B 53 26.68 21.86 14.83
CA ASP B 53 27.46 23.04 14.46
C ASP B 53 26.59 24.19 13.98
N VAL B 54 25.63 23.88 13.12
CA VAL B 54 24.74 24.87 12.54
C VAL B 54 23.57 25.37 13.40
N LEU B 55 23.00 24.49 14.21
CA LEU B 55 21.87 24.88 15.06
C LEU B 55 22.26 25.55 16.36
N SER B 56 23.56 25.57 16.64
CA SER B 56 24.05 26.20 17.86
C SER B 56 24.01 27.70 17.63
N LYS B 57 24.42 28.11 16.44
CA LYS B 57 24.43 29.50 16.05
C LYS B 57 22.98 29.97 15.85
N ASN B 58 22.31 29.40 14.85
CA ASN B 58 20.91 29.74 14.58
C ASN B 58 19.99 28.56 14.87
N LEU B 59 19.30 28.62 15.99
CA LEU B 59 18.41 27.55 16.40
C LEU B 59 17.34 27.13 15.38
N HIS B 60 16.91 28.05 14.53
CA HIS B 60 15.88 27.72 13.56
C HIS B 60 16.29 27.60 12.11
N GLU B 61 17.59 27.39 11.89
CA GLU B 61 18.11 27.27 10.53
C GLU B 61 17.36 26.24 9.70
N LEU B 62 16.72 25.27 10.36
CA LEU B 62 16.00 24.24 9.61
C LEU B 62 14.73 24.74 8.93
N GLN B 63 14.07 25.72 9.54
CA GLN B 63 12.84 26.28 8.98
C GLN B 63 13.03 26.82 7.58
N GLY B 64 14.25 27.25 7.27
CA GLY B 64 14.52 27.79 5.96
C GLY B 64 14.69 26.72 4.90
N LEU B 65 14.57 25.46 5.30
CA LEU B 65 14.71 24.36 4.35
C LEU B 65 13.36 23.87 3.82
N CYS B 66 12.26 24.35 4.40
CA CYS B 66 10.92 23.97 3.96
C CYS B 66 10.49 24.81 2.78
N ASN B 67 10.28 24.20 1.62
CA ASN B 67 9.83 24.97 0.48
C ASN B 67 8.37 25.30 0.76
N VAL B 68 7.63 24.31 1.24
CA VAL B 68 6.22 24.45 1.57
C VAL B 68 6.02 24.00 3.01
N LYS B 69 5.13 24.66 3.74
CA LYS B 69 4.85 24.28 5.12
C LYS B 69 3.35 24.23 5.35
N ASN B 70 2.84 23.02 5.54
CA ASN B 70 1.42 22.80 5.76
C ASN B 70 1.21 22.42 7.22
N LYS B 71 0.69 23.35 8.01
CA LYS B 71 0.44 23.10 9.42
C LYS B 71 -1.03 22.97 9.72
N MET B 72 -1.34 22.22 10.77
CA MET B 72 -2.70 22.01 11.20
C MET B 72 -2.75 21.98 12.72
N GLY B 73 -3.85 22.48 13.27
CA GLY B 73 -4.00 22.51 14.71
C GLY B 73 -4.72 21.28 15.20
N VAL B 74 -4.06 20.54 16.09
CA VAL B 74 -4.64 19.34 16.65
C VAL B 74 -4.74 19.56 18.17
N PRO B 75 -5.85 19.12 18.79
CA PRO B 75 -6.04 19.28 20.22
C PRO B 75 -5.25 18.31 21.08
N TRP B 76 -4.88 18.76 22.28
CA TRP B 76 -4.16 17.91 23.24
C TRP B 76 -5.10 16.80 23.67
N VAL B 77 -4.57 15.59 23.80
CA VAL B 77 -5.38 14.49 24.29
C VAL B 77 -4.59 13.91 25.44
N SER B 78 -5.24 13.86 26.59
CA SER B 78 -4.61 13.37 27.80
C SER B 78 -4.90 11.92 28.12
N VAL B 79 -3.88 11.27 28.67
CA VAL B 79 -3.94 9.88 29.11
C VAL B 79 -3.42 9.95 30.56
N GLU B 80 -4.29 10.43 31.44
CA GLU B 80 -4.00 10.62 32.86
C GLU B 80 -3.25 9.50 33.56
N GLU B 81 -3.68 8.27 33.31
CA GLU B 81 -3.07 7.10 33.93
C GLU B 81 -1.55 7.14 33.79
N LEU B 82 -1.06 7.59 32.64
CA LEU B 82 0.36 7.64 32.39
C LEU B 82 0.87 9.06 32.36
N GLY B 83 -0.02 10.01 32.61
CA GLY B 83 0.37 11.42 32.61
C GLY B 83 0.88 11.91 31.27
N GLN B 84 0.22 11.50 30.20
CA GLN B 84 0.63 11.88 28.85
C GLN B 84 -0.24 12.95 28.25
N GLU B 85 0.40 13.79 27.44
CA GLU B 85 -0.26 14.85 26.71
C GLU B 85 0.05 14.45 25.27
N ILE B 86 -0.96 14.00 24.55
CA ILE B 86 -0.76 13.54 23.18
C ILE B 86 -1.45 14.36 22.11
N ILE B 87 -0.74 14.50 20.99
CA ILE B 87 -1.27 15.19 19.82
C ILE B 87 -1.01 14.22 18.69
N THR B 88 -2.06 13.92 17.95
CA THR B 88 -1.95 12.99 16.85
C THR B 88 -2.69 13.59 15.65
N GLY B 89 -2.18 13.35 14.45
CA GLY B 89 -2.84 13.92 13.29
C GLY B 89 -2.46 13.31 11.96
N ARG B 90 -3.37 13.43 10.99
CA ARG B 90 -3.14 12.93 9.67
C ARG B 90 -2.52 14.05 8.86
N LEU B 91 -1.23 13.94 8.55
CA LEU B 91 -0.60 14.99 7.78
C LEU B 91 -1.16 14.94 6.37
N PRO B 92 -1.48 16.10 5.79
CA PRO B 92 -2.02 16.11 4.43
C PRO B 92 -0.91 15.95 3.40
N PHE B 93 -0.30 14.77 3.33
CA PHE B 93 0.78 14.52 2.39
C PHE B 93 0.37 15.03 1.01
N PRO B 94 1.16 15.96 0.46
CA PRO B 94 0.86 16.55 -0.85
C PRO B 94 0.90 15.63 -2.05
N SER B 95 1.41 14.41 -1.89
CA SER B 95 1.48 13.55 -3.06
C SER B 95 1.64 12.07 -2.74
N VAL B 96 1.45 11.19 -3.71
CA VAL B 96 1.61 9.78 -3.45
C VAL B 96 3.05 9.58 -2.98
N GLY B 97 3.21 8.92 -1.83
CA GLY B 97 4.53 8.68 -1.28
C GLY B 97 5.42 7.96 -2.25
N GLY B 98 4.97 6.81 -2.74
CA GLY B 98 5.76 6.05 -3.69
C GLY B 98 5.28 4.63 -3.93
N THR B 99 6.21 3.83 -4.44
CA THR B 99 5.98 2.42 -4.78
C THR B 99 6.95 1.58 -3.94
N PRO B 100 6.70 0.26 -3.81
CA PRO B 100 7.63 -0.55 -3.03
C PRO B 100 9.00 -0.60 -3.71
N VAL B 101 8.96 -0.63 -5.04
CA VAL B 101 10.14 -0.67 -5.90
C VAL B 101 10.98 0.61 -5.79
N ASN B 102 10.49 1.56 -4.99
CA ASN B 102 11.18 2.82 -4.76
C ASN B 102 12.17 2.62 -3.61
N ASP B 103 13.00 3.63 -3.37
CA ASP B 103 13.96 3.55 -2.28
C ASP B 103 13.32 4.23 -1.08
N LEU B 104 14.13 4.70 -0.16
CA LEU B 104 13.58 5.35 1.02
C LEU B 104 13.81 6.85 0.98
N VAL B 105 13.16 7.54 1.91
CA VAL B 105 13.31 8.97 2.04
C VAL B 105 13.77 9.22 3.47
N ARG B 106 14.77 10.09 3.62
CA ARG B 106 15.24 10.40 4.94
C ARG B 106 14.40 11.55 5.42
N VAL B 107 13.61 11.32 6.45
CA VAL B 107 12.78 12.40 6.96
C VAL B 107 13.46 12.86 8.23
N LEU B 108 13.15 14.09 8.63
CA LEU B 108 13.70 14.71 9.82
C LEU B 108 12.54 15.15 10.70
N VAL B 109 12.32 14.45 11.82
CA VAL B 109 11.23 14.81 12.70
C VAL B 109 11.70 15.85 13.70
N VAL B 110 10.81 16.77 14.06
CA VAL B 110 11.15 17.84 14.99
C VAL B 110 10.03 18.16 15.97
N ALA B 111 10.30 17.98 17.26
CA ALA B 111 9.29 18.34 18.26
C ALA B 111 9.86 19.58 18.93
N GLU B 112 8.98 20.52 19.29
CA GLU B 112 9.45 21.73 19.93
C GLU B 112 8.31 22.51 20.54
N SER B 113 8.65 23.57 21.27
CA SER B 113 7.64 24.40 21.90
C SER B 113 8.25 25.72 22.30
N ASN B 114 7.41 26.63 22.78
CA ASN B 114 7.89 27.92 23.21
C ASN B 114 8.81 27.65 24.38
N THR B 115 9.81 28.51 24.54
CA THR B 115 10.74 28.40 25.66
C THR B 115 10.07 29.18 26.79
N PRO B 116 9.58 28.48 27.83
CA PRO B 116 8.93 29.17 28.95
C PRO B 116 9.78 30.28 29.55
N GLU B 117 9.13 31.20 30.26
CA GLU B 117 9.84 32.32 30.88
C GLU B 117 10.69 31.85 32.06
N GLU B 118 10.05 31.20 33.03
CA GLU B 118 10.76 30.66 34.19
C GLU B 118 11.05 29.21 33.84
N THR B 119 12.29 28.78 34.04
CA THR B 119 12.65 27.40 33.76
C THR B 119 11.78 26.47 34.63
N PRO B 120 10.96 25.63 34.01
CA PRO B 120 10.10 24.72 34.78
C PRO B 120 10.92 23.63 35.45
N GLU B 121 10.30 22.84 36.33
CA GLU B 121 11.04 21.79 37.01
C GLU B 121 11.26 20.57 36.12
N GLU B 122 10.28 20.29 35.26
CA GLU B 122 10.38 19.18 34.33
C GLU B 122 10.99 19.73 33.05
N GLU B 123 11.80 18.92 32.37
CA GLU B 123 12.40 19.41 31.14
C GLU B 123 11.57 18.96 29.94
N PHE B 124 11.93 19.48 28.77
CA PHE B 124 11.19 19.15 27.55
C PHE B 124 11.50 17.75 27.04
N TYR B 125 10.44 16.98 26.81
CA TYR B 125 10.56 15.61 26.31
C TYR B 125 9.39 15.29 25.39
N ALA B 126 9.69 14.62 24.28
CA ALA B 126 8.67 14.24 23.32
C ALA B 126 8.99 12.94 22.59
N TYR B 127 8.00 12.06 22.54
CA TYR B 127 8.18 10.81 21.82
C TYR B 127 7.29 10.86 20.59
N VAL B 128 7.92 10.83 19.42
CA VAL B 128 7.18 10.90 18.18
C VAL B 128 7.31 9.60 17.42
N GLU B 129 6.18 9.15 16.89
CA GLU B 129 6.12 7.93 16.09
C GLU B 129 5.26 8.17 14.87
N LEU B 130 5.68 7.59 13.75
CA LEU B 130 4.97 7.68 12.50
C LEU B 130 4.43 6.29 12.30
N GLN B 131 3.18 6.06 12.69
CA GLN B 131 2.65 4.72 12.54
C GLN B 131 1.79 4.45 11.33
N THR B 132 2.16 3.38 10.63
CA THR B 132 1.45 2.93 9.46
C THR B 132 0.65 1.72 9.90
N GLU B 133 0.17 0.93 8.95
CA GLU B 133 -0.64 -0.23 9.27
C GLU B 133 0.16 -1.36 9.90
N LEU B 134 1.09 -1.95 9.14
CA LEU B 134 1.90 -3.04 9.65
C LEU B 134 2.89 -2.56 10.70
N TYR B 135 3.86 -1.77 10.26
CA TYR B 135 4.90 -1.25 11.13
C TYR B 135 4.53 0.10 11.74
N THR B 136 5.33 0.52 12.72
CA THR B 136 5.14 1.79 13.38
C THR B 136 6.54 2.34 13.62
N PHE B 137 7.00 3.18 12.71
CA PHE B 137 8.34 3.77 12.85
C PHE B 137 8.40 4.65 14.07
N GLY B 138 9.33 4.32 14.97
CA GLY B 138 9.48 5.11 16.17
C GLY B 138 10.79 5.87 16.14
N LEU B 139 10.76 7.10 16.62
CA LEU B 139 11.96 7.92 16.68
C LEU B 139 12.53 7.72 18.07
N SER B 140 13.55 6.87 18.15
CA SER B 140 14.20 6.52 19.41
C SER B 140 15.39 7.41 19.72
N ASP B 141 16.04 7.15 20.86
CA ASP B 141 17.21 7.91 21.22
C ASP B 141 18.26 7.63 20.15
N ASP B 142 18.24 6.42 19.61
CA ASP B 142 19.19 6.07 18.57
C ASP B 142 18.85 6.80 17.27
N ASN B 143 17.78 7.58 17.28
CA ASN B 143 17.37 8.33 16.08
C ASN B 143 17.58 9.84 16.21
N VAL B 144 17.94 10.31 17.40
CA VAL B 144 18.17 11.74 17.60
C VAL B 144 19.43 12.20 16.86
N VAL B 145 19.38 13.42 16.34
CA VAL B 145 20.52 14.00 15.63
C VAL B 145 20.81 15.39 16.18
N PHE B 146 19.96 15.83 17.11
CA PHE B 146 20.13 17.13 17.75
C PHE B 146 19.13 17.33 18.89
N THR B 147 19.57 18.04 19.91
CA THR B 147 18.72 18.33 21.06
C THR B 147 19.03 19.75 21.52
N SER B 148 18.15 20.28 22.35
CA SER B 148 18.32 21.62 22.88
C SER B 148 17.22 21.75 23.92
N ASP B 149 17.28 22.80 24.70
CA ASP B 149 16.31 22.97 25.77
C ASP B 149 14.87 22.66 25.42
N TYR B 150 14.40 23.13 24.27
CA TYR B 150 13.02 22.91 23.87
C TYR B 150 12.86 22.51 22.41
N MET B 151 13.59 21.48 22.02
CA MET B 151 13.54 21.02 20.65
C MET B 151 14.43 19.80 20.46
N THR B 152 13.92 18.83 19.71
CA THR B 152 14.68 17.63 19.44
C THR B 152 14.50 17.38 17.97
N VAL B 153 15.52 16.82 17.34
CA VAL B 153 15.44 16.52 15.93
C VAL B 153 15.90 15.10 15.69
N TRP B 154 15.00 14.32 15.11
CA TRP B 154 15.27 12.92 14.80
C TRP B 154 15.44 12.68 13.31
N MET B 155 16.32 11.77 12.97
CA MET B 155 16.55 11.42 11.58
C MET B 155 16.07 9.98 11.40
N ILE B 156 15.63 9.63 10.20
CA ILE B 156 15.17 8.27 9.92
C ILE B 156 14.82 8.07 8.47
N ASP B 157 15.05 6.85 7.99
CA ASP B 157 14.76 6.50 6.62
C ASP B 157 13.56 5.58 6.57
N ILE B 158 12.53 6.03 5.88
CA ILE B 158 11.31 5.26 5.74
C ILE B 158 11.06 4.95 4.27
N PRO B 159 10.57 3.75 3.97
CA PRO B 159 10.32 3.45 2.56
C PRO B 159 9.28 4.44 2.05
N LYS B 160 9.59 5.14 0.97
CA LYS B 160 8.69 6.15 0.42
C LYS B 160 7.19 5.87 0.42
N SER B 161 6.78 4.68 -0.03
CA SER B 161 5.35 4.39 -0.06
C SER B 161 4.71 4.42 1.33
N TYR B 162 5.52 4.33 2.38
CA TYR B 162 4.99 4.37 3.73
C TYR B 162 4.56 5.79 4.04
N VAL B 163 5.27 6.76 3.48
CA VAL B 163 5.00 8.17 3.70
C VAL B 163 3.92 8.72 2.77
N ASP B 164 2.69 8.56 3.21
CA ASP B 164 1.55 9.01 2.44
C ASP B 164 0.37 8.86 3.39
N VAL B 165 -0.83 9.03 2.86
CA VAL B 165 -2.04 8.90 3.66
C VAL B 165 -2.03 7.49 4.26
N GLY B 166 -2.44 7.40 5.53
CA GLY B 166 -2.44 6.11 6.18
C GLY B 166 -1.42 6.13 7.30
N MET B 167 -0.41 6.98 7.15
CA MET B 167 0.63 7.15 8.16
C MET B 167 0.19 8.21 9.15
N LEU B 168 -0.18 7.78 10.34
CA LEU B 168 -0.60 8.70 11.38
C LEU B 168 0.63 9.23 12.10
N THR B 169 0.62 10.51 12.48
CA THR B 169 1.75 11.08 13.21
C THR B 169 1.31 11.30 14.66
N ARG B 170 2.02 10.66 15.59
CA ARG B 170 1.69 10.82 17.00
C ARG B 170 2.91 11.28 17.79
N ALA B 171 2.71 12.27 18.65
CA ALA B 171 3.77 12.78 19.48
C ALA B 171 3.23 12.79 20.90
N THR B 172 3.92 12.08 21.79
CA THR B 172 3.51 11.99 23.17
C THR B 172 4.37 12.87 24.06
N PHE B 173 3.72 13.77 24.78
CA PHE B 173 4.40 14.67 25.70
C PHE B 173 3.91 14.32 27.11
N LEU B 174 4.56 14.90 28.12
CA LEU B 174 4.17 14.65 29.50
C LEU B 174 3.49 15.91 30.07
N GLU B 175 3.70 17.03 29.37
CA GLU B 175 3.12 18.32 29.73
C GLU B 175 2.55 18.97 28.47
N GLN B 176 1.54 19.82 28.62
CA GLN B 176 0.98 20.52 27.47
C GLN B 176 1.78 21.81 27.28
N TRP B 177 3.01 21.68 26.82
CA TRP B 177 3.87 22.83 26.60
C TRP B 177 3.24 23.81 25.64
N PRO B 178 3.27 25.10 25.97
CA PRO B 178 2.68 26.08 25.06
C PRO B 178 3.48 26.16 23.77
N GLY B 179 2.77 26.25 22.64
CA GLY B 179 3.43 26.32 21.35
C GLY B 179 4.09 25.02 20.95
N ALA B 180 3.69 23.93 21.60
CA ALA B 180 4.26 22.62 21.29
C ALA B 180 3.79 22.23 19.90
N LYS B 181 4.72 21.74 19.10
CA LYS B 181 4.40 21.33 17.76
C LYS B 181 5.37 20.24 17.30
N VAL B 182 4.92 19.45 16.34
CA VAL B 182 5.73 18.38 15.79
C VAL B 182 5.81 18.65 14.31
N THR B 183 6.98 18.50 13.72
CA THR B 183 7.12 18.77 12.31
C THR B 183 7.88 17.68 11.60
N VAL B 184 7.32 17.22 10.50
CA VAL B 184 7.97 16.19 9.73
C VAL B 184 8.43 16.86 8.46
N MET B 185 9.74 16.97 8.29
CA MET B 185 10.27 17.58 7.09
C MET B 185 10.41 16.45 6.10
N ILE B 186 9.61 16.47 5.04
CA ILE B 186 9.66 15.39 4.07
C ILE B 186 10.25 15.77 2.72
N PRO B 187 11.48 15.31 2.46
CA PRO B 187 12.05 15.66 1.16
C PRO B 187 11.37 14.85 0.06
N TYR B 188 10.80 15.53 -0.92
CA TYR B 188 10.13 14.84 -2.02
C TYR B 188 11.02 14.79 -3.23
N SER B 189 12.02 15.66 -3.25
CA SER B 189 12.99 15.69 -4.34
C SER B 189 14.26 16.31 -3.79
N SER B 190 15.34 16.18 -4.55
CA SER B 190 16.62 16.73 -4.16
C SER B 190 16.52 18.24 -3.93
N THR B 191 15.49 18.88 -4.50
CA THR B 191 15.33 20.32 -4.31
C THR B 191 13.96 20.79 -3.83
N PHE B 192 13.17 19.87 -3.27
CA PHE B 192 11.86 20.22 -2.74
C PHE B 192 11.61 19.47 -1.44
N THR B 193 11.32 20.23 -0.39
CA THR B 193 11.06 19.67 0.92
C THR B 193 9.76 20.22 1.48
N TRP B 194 8.83 19.32 1.76
CA TRP B 194 7.53 19.67 2.30
C TRP B 194 7.51 19.41 3.80
N CYS B 195 7.07 20.39 4.57
CA CYS B 195 7.02 20.20 6.02
C CYS B 195 5.60 20.08 6.54
N GLY B 196 5.30 18.93 7.13
CA GLY B 196 4.00 18.70 7.70
C GLY B 196 4.10 19.05 9.17
N GLU B 197 3.24 19.94 9.65
CA GLU B 197 3.30 20.36 11.04
C GLU B 197 2.03 20.20 11.85
N LEU B 198 2.17 19.63 13.05
CA LEU B 198 1.04 19.46 13.95
C LEU B 198 1.20 20.45 15.09
N GLY B 199 0.40 21.51 15.11
CA GLY B 199 0.50 22.46 16.19
C GLY B 199 -0.55 22.13 17.24
N ALA B 200 -0.14 22.03 18.50
CA ALA B 200 -1.08 21.70 19.57
C ALA B 200 -2.05 22.81 19.86
N ILE B 201 -3.29 22.44 20.15
CA ILE B 201 -4.33 23.41 20.49
C ILE B 201 -5.20 22.87 21.64
N SER B 202 -5.97 23.76 22.28
CA SER B 202 -6.83 23.38 23.40
C SER B 202 -7.42 21.99 23.26
N GLU B 203 -7.49 21.27 24.39
CA GLU B 203 -8.08 19.93 24.40
C GLU B 203 -9.54 20.07 23.98
N GLU B 204 -10.16 21.16 24.40
CA GLU B 204 -11.56 21.39 24.08
C GLU B 204 -11.80 22.00 22.71
N SER B 205 -10.77 21.95 21.86
CA SER B 205 -10.85 22.49 20.50
C SER B 205 -10.98 21.37 19.48
N ALA B 206 -11.73 21.64 18.42
CA ALA B 206 -11.88 20.65 17.35
C ALA B 206 -10.64 20.76 16.48
N PRO B 207 -10.23 19.65 15.84
CA PRO B 207 -9.05 19.66 14.98
C PRO B 207 -9.21 20.74 13.92
N GLN B 208 -8.15 21.53 13.70
CA GLN B 208 -8.25 22.60 12.72
C GLN B 208 -7.36 22.29 11.53
N PRO B 209 -7.95 21.78 10.44
CA PRO B 209 -7.18 21.45 9.24
C PRO B 209 -6.93 22.63 8.32
N SER B 210 -5.86 22.51 7.55
CA SER B 210 -5.51 23.54 6.59
C SER B 210 -6.40 23.31 5.33
N LEU B 211 -6.43 24.29 4.44
CA LEU B 211 -7.20 24.15 3.22
C LEU B 211 -6.31 23.32 2.31
N SER B 212 -6.43 22.01 2.47
CA SER B 212 -5.67 21.02 1.72
C SER B 212 -6.65 19.96 1.31
N ALA B 213 -6.77 19.74 0.01
CA ALA B 213 -7.70 18.76 -0.47
C ALA B 213 -7.06 17.81 -1.47
N ARG B 214 -7.72 16.69 -1.70
CA ARG B 214 -7.24 15.65 -2.59
C ARG B 214 -8.35 15.39 -3.58
N SER B 215 -8.05 15.52 -4.88
CA SER B 215 -9.08 15.29 -5.89
C SER B 215 -8.75 14.20 -6.89
N PRO B 216 -9.61 13.18 -6.98
CA PRO B 216 -9.35 12.11 -7.95
C PRO B 216 -9.96 12.62 -9.27
N VAL B 217 -9.17 13.41 -10.01
CA VAL B 217 -9.60 13.99 -11.27
C VAL B 217 -10.31 12.99 -12.17
N CYS B 218 -9.79 11.78 -12.19
CA CYS B 218 -10.35 10.76 -13.03
C CYS B 218 -11.29 9.78 -12.36
N LYS B 219 -12.03 10.24 -11.37
CA LYS B 219 -12.98 9.33 -10.71
C LYS B 219 -13.84 8.77 -11.86
N ASN B 220 -14.17 7.49 -11.76
CA ASN B 220 -14.95 6.79 -12.79
C ASN B 220 -14.09 6.62 -14.03
N SER B 221 -12.92 6.03 -13.85
CA SER B 221 -11.95 5.78 -14.91
C SER B 221 -12.59 5.27 -16.20
N ALA B 222 -13.39 4.21 -16.09
CA ALA B 222 -14.06 3.61 -17.24
C ALA B 222 -14.61 4.62 -18.23
N ARG B 223 -15.09 5.74 -17.73
CA ARG B 223 -15.64 6.79 -18.56
C ARG B 223 -14.68 7.27 -19.66
N TYR B 224 -13.38 7.18 -19.41
CA TYR B 224 -12.38 7.67 -20.36
C TYR B 224 -11.71 6.61 -21.25
N SER B 225 -12.25 5.39 -21.24
CA SER B 225 -11.67 4.33 -22.06
C SER B 225 -11.80 4.66 -23.55
N THR B 226 -12.80 5.47 -23.90
CA THR B 226 -13.00 5.90 -25.29
C THR B 226 -13.49 7.34 -25.30
N SER B 227 -13.51 7.94 -26.48
CA SER B 227 -13.96 9.32 -26.64
C SER B 227 -15.48 9.47 -26.73
N LYS B 228 -16.22 8.51 -26.18
CA LYS B 228 -17.69 8.54 -26.25
C LYS B 228 -18.29 9.80 -25.63
N PHE B 229 -17.84 10.11 -24.42
CA PHE B 229 -18.34 11.25 -23.67
C PHE B 229 -17.58 12.55 -23.84
N CYS B 230 -16.67 12.62 -24.82
CA CYS B 230 -15.90 13.84 -25.00
C CYS B 230 -16.74 15.10 -25.21
N GLU B 231 -17.72 14.99 -26.10
CA GLU B 231 -18.60 16.10 -26.43
C GLU B 231 -19.31 16.60 -25.17
N VAL B 232 -19.96 15.67 -24.48
CA VAL B 232 -20.71 15.96 -23.28
C VAL B 232 -19.84 16.46 -22.14
N ASP B 233 -18.75 15.75 -21.87
CA ASP B 233 -17.85 16.13 -20.79
C ASP B 233 -17.26 17.51 -21.05
N GLY B 234 -17.42 18.02 -22.26
CA GLY B 234 -16.88 19.33 -22.58
C GLY B 234 -15.41 19.31 -22.98
N CYS B 235 -14.91 18.15 -23.40
CA CYS B 235 -13.53 18.00 -23.81
C CYS B 235 -13.42 17.88 -25.32
N THR B 236 -13.33 19.01 -26.00
CA THR B 236 -13.23 18.97 -27.45
C THR B 236 -12.18 19.92 -27.99
N ALA B 237 -11.88 19.77 -29.28
CA ALA B 237 -10.93 20.64 -29.93
C ALA B 237 -11.47 22.06 -29.73
N GLU B 238 -12.79 22.18 -29.79
CA GLU B 238 -13.51 23.44 -29.63
C GLU B 238 -13.18 24.14 -28.31
N THR B 239 -13.30 23.41 -27.20
CA THR B 239 -13.01 23.99 -25.90
C THR B 239 -11.53 23.98 -25.58
N GLY B 240 -10.73 23.39 -26.47
CA GLY B 240 -9.30 23.32 -26.25
C GLY B 240 -8.93 22.28 -25.20
N MET B 241 -9.75 21.24 -25.11
CA MET B 241 -9.54 20.19 -24.14
C MET B 241 -9.48 20.77 -22.75
N GLU B 242 -10.40 21.69 -22.45
CA GLU B 242 -10.45 22.31 -21.12
C GLU B 242 -11.84 22.32 -20.51
N LYS B 243 -11.98 21.58 -19.43
CA LYS B 243 -13.21 21.52 -18.68
C LYS B 243 -12.75 21.88 -17.28
N MET B 244 -12.68 23.18 -16.99
CA MET B 244 -12.19 23.63 -15.69
C MET B 244 -13.25 23.64 -14.60
N SER B 245 -12.83 23.29 -13.40
CA SER B 245 -13.72 23.28 -12.24
C SER B 245 -12.88 23.81 -11.09
N LEU B 246 -13.50 24.65 -10.27
CA LEU B 246 -12.84 25.28 -9.14
C LEU B 246 -12.27 24.32 -8.09
N LEU B 247 -11.07 24.63 -7.59
CA LEU B 247 -10.46 23.84 -6.53
C LEU B 247 -10.62 24.69 -5.28
N THR B 248 -10.34 25.98 -5.43
CA THR B 248 -10.45 26.90 -4.31
C THR B 248 -11.90 27.12 -3.89
N PRO B 249 -12.21 26.80 -2.63
CA PRO B 249 -13.56 26.95 -2.10
C PRO B 249 -13.93 28.44 -2.04
N PHE B 250 -15.22 28.75 -1.91
CA PHE B 250 -15.67 30.12 -1.89
C PHE B 250 -14.96 31.12 -0.99
N GLY B 251 -14.84 30.85 0.30
CA GLY B 251 -14.18 31.84 1.12
C GLY B 251 -12.66 31.76 1.10
N GLY B 252 -12.12 30.97 0.18
CA GLY B 252 -10.69 30.80 0.10
C GLY B 252 -9.87 32.04 -0.18
N PRO B 253 -8.53 31.91 -0.16
CA PRO B 253 -7.62 33.03 -0.42
C PRO B 253 -8.00 33.66 -1.75
N PRO B 254 -7.53 34.88 -2.01
CA PRO B 254 -7.89 35.51 -3.29
C PRO B 254 -7.33 34.84 -4.56
N GLN B 255 -6.43 33.87 -4.41
CA GLN B 255 -5.89 33.18 -5.57
C GLN B 255 -6.77 31.98 -5.92
N GLN B 256 -7.47 32.06 -7.03
CA GLN B 256 -8.36 31.00 -7.48
C GLN B 256 -7.57 29.91 -8.21
N ALA B 257 -7.84 28.66 -7.86
CA ALA B 257 -7.17 27.53 -8.50
C ALA B 257 -8.19 26.64 -9.23
N LYS B 258 -7.88 26.25 -10.45
CA LYS B 258 -8.77 25.37 -11.21
C LYS B 258 -8.06 24.13 -11.74
N MET B 259 -8.82 23.05 -11.89
CA MET B 259 -8.29 21.80 -12.41
C MET B 259 -9.02 21.46 -13.70
N ASN B 260 -8.35 20.67 -14.54
CA ASN B 260 -8.90 20.26 -15.82
C ASN B 260 -9.17 18.77 -15.81
N THR B 261 -10.39 18.38 -16.11
CA THR B 261 -10.70 16.95 -16.11
C THR B 261 -10.29 16.24 -17.41
N CYS B 262 -10.28 16.96 -18.52
CA CYS B 262 -9.95 16.37 -19.82
C CYS B 262 -8.69 15.51 -19.89
N PRO B 263 -7.64 15.86 -19.12
CA PRO B 263 -6.42 15.05 -19.16
C PRO B 263 -6.72 13.56 -18.99
N CYS B 264 -7.81 13.25 -18.29
CA CYS B 264 -8.19 11.87 -18.06
C CYS B 264 -8.38 11.13 -19.36
N TYR B 265 -8.92 11.80 -20.36
CA TYR B 265 -9.07 11.16 -21.66
C TYR B 265 -7.68 10.82 -22.22
N TYR B 266 -6.76 11.78 -22.16
CA TYR B 266 -5.43 11.55 -22.67
C TYR B 266 -4.65 10.53 -21.86
N LYS B 267 -5.17 10.18 -20.70
CA LYS B 267 -4.47 9.23 -19.86
C LYS B 267 -5.04 7.83 -20.01
N TYR B 268 -6.34 7.73 -20.23
CA TYR B 268 -6.99 6.45 -20.31
C TYR B 268 -7.63 6.06 -21.64
N SER B 269 -7.84 7.02 -22.52
CA SER B 269 -8.52 6.71 -23.79
C SER B 269 -7.69 6.00 -24.86
N VAL B 270 -8.36 5.10 -25.58
CA VAL B 270 -7.75 4.39 -26.68
C VAL B 270 -8.47 4.88 -27.94
N SER B 271 -8.92 6.13 -27.90
CA SER B 271 -9.60 6.73 -29.03
C SER B 271 -8.78 7.90 -29.51
N PRO B 272 -8.91 8.25 -30.79
CA PRO B 272 -8.14 9.39 -31.30
C PRO B 272 -8.58 10.65 -30.56
N LEU B 273 -7.62 11.45 -30.12
CA LEU B 273 -7.92 12.68 -29.40
C LEU B 273 -7.30 13.85 -30.14
N PRO B 274 -7.85 15.06 -29.96
CA PRO B 274 -7.31 16.24 -30.63
C PRO B 274 -5.80 16.36 -30.43
N ALA B 275 -5.07 16.58 -31.52
CA ALA B 275 -3.62 16.71 -31.45
C ALA B 275 -3.31 18.10 -30.89
N MET B 276 -2.59 18.15 -29.77
CA MET B 276 -2.26 19.43 -29.13
C MET B 276 -0.84 19.38 -28.62
N ASP B 277 -0.19 20.53 -28.52
CA ASP B 277 1.17 20.52 -28.00
C ASP B 277 1.22 20.22 -26.51
N HIS B 278 0.31 20.86 -25.79
CA HIS B 278 0.22 20.70 -24.35
C HIS B 278 -1.20 20.73 -23.88
N LEU B 279 -1.42 20.14 -22.71
CA LEU B 279 -2.73 20.12 -22.08
C LEU B 279 -2.50 21.02 -20.88
N ILE B 280 -3.56 21.62 -20.37
CA ILE B 280 -3.41 22.45 -19.19
C ILE B 280 -3.98 21.64 -18.03
N LEU B 281 -3.13 21.16 -17.14
CA LEU B 281 -3.60 20.36 -16.01
C LEU B 281 -4.37 21.20 -15.01
N ALA B 282 -3.92 22.42 -14.80
CA ALA B 282 -4.57 23.30 -13.84
C ALA B 282 -4.04 24.71 -14.02
N ASP B 283 -4.79 25.69 -13.54
CA ASP B 283 -4.33 27.06 -13.62
C ASP B 283 -4.60 27.78 -12.30
N LEU B 284 -4.05 28.97 -12.16
CA LEU B 284 -4.16 29.70 -10.92
C LEU B 284 -4.18 31.20 -11.13
N ALA B 285 -5.25 31.85 -10.71
CA ALA B 285 -5.37 33.29 -10.83
C ALA B 285 -5.08 33.98 -9.51
N GLY B 286 -4.98 35.30 -9.56
CA GLY B 286 -4.71 36.06 -8.36
C GLY B 286 -3.24 36.33 -8.11
N LEU B 287 -2.40 35.97 -9.07
CA LEU B 287 -0.97 36.16 -8.91
C LEU B 287 -0.62 37.63 -8.69
N ASP B 288 -1.50 38.53 -9.14
CA ASP B 288 -1.25 39.95 -8.97
C ASP B 288 -1.08 40.34 -7.52
N SER B 289 -1.79 39.66 -6.63
CA SER B 289 -1.72 39.95 -5.20
C SER B 289 -1.07 38.84 -4.38
N LEU B 290 -0.36 37.93 -5.03
CA LEU B 290 0.31 36.86 -4.30
C LEU B 290 1.75 37.24 -4.00
N THR B 291 2.15 37.16 -2.74
CA THR B 291 3.51 37.55 -2.35
C THR B 291 4.54 36.42 -2.33
N SER B 292 4.18 35.29 -1.73
CA SER B 292 5.09 34.15 -1.66
C SER B 292 5.01 33.33 -2.94
N PRO B 293 6.03 32.51 -3.21
CA PRO B 293 6.02 31.69 -4.44
C PRO B 293 4.91 30.65 -4.53
N VAL B 294 4.88 29.97 -5.67
CA VAL B 294 3.90 28.93 -5.96
C VAL B 294 4.66 27.67 -6.33
N TYR B 295 4.33 26.55 -5.70
CA TYR B 295 4.99 25.30 -6.03
C TYR B 295 4.01 24.34 -6.69
N VAL B 296 4.49 23.60 -7.68
CA VAL B 296 3.65 22.63 -8.38
C VAL B 296 4.44 21.33 -8.49
N MET B 297 3.96 20.28 -7.82
CA MET B 297 4.64 18.98 -7.85
C MET B 297 3.93 17.89 -8.62
N ALA B 298 4.69 17.18 -9.45
CA ALA B 298 4.17 16.11 -10.27
C ALA B 298 4.68 14.76 -9.81
N ALA B 299 3.85 13.73 -9.93
CA ALA B 299 4.22 12.38 -9.54
C ALA B 299 4.03 11.53 -10.79
N TYR B 300 5.02 10.73 -11.16
CA TYR B 300 4.86 9.97 -12.39
C TYR B 300 5.76 8.76 -12.54
N PHE B 301 5.51 8.02 -13.60
CA PHE B 301 6.28 6.83 -13.91
C PHE B 301 7.12 7.10 -15.16
N ASP B 302 8.21 6.36 -15.25
CA ASP B 302 9.09 6.44 -16.41
C ASP B 302 9.09 5.03 -16.98
N SER B 303 7.98 4.66 -17.62
CA SER B 303 7.81 3.33 -18.20
C SER B 303 8.83 2.90 -19.23
N THR B 304 9.79 3.77 -19.55
CA THR B 304 10.82 3.42 -20.54
C THR B 304 11.74 2.32 -19.99
N HIS B 305 12.08 1.38 -20.85
CA HIS B 305 12.94 0.25 -20.51
C HIS B 305 12.26 -0.70 -19.53
N GLU B 306 10.98 -0.98 -19.79
CA GLU B 306 10.20 -1.87 -18.94
C GLU B 306 10.23 -3.31 -19.46
N ASN B 307 10.08 -4.24 -18.53
CA ASN B 307 10.05 -5.66 -18.87
C ASN B 307 8.69 -6.16 -18.45
N PRO B 308 7.88 -6.63 -19.41
CA PRO B 308 6.54 -7.14 -19.07
C PRO B 308 6.53 -8.21 -17.99
N VAL B 309 7.59 -9.01 -17.94
CA VAL B 309 7.68 -10.08 -16.96
C VAL B 309 7.91 -9.54 -15.56
N ARG B 310 8.66 -8.46 -15.46
CA ARG B 310 8.93 -7.83 -14.18
C ARG B 310 8.72 -6.34 -14.39
N PRO B 311 7.48 -5.95 -14.73
CA PRO B 311 7.09 -4.57 -14.99
C PRO B 311 6.88 -3.69 -13.78
N SER B 312 7.89 -3.56 -12.94
CA SER B 312 7.69 -2.70 -11.78
C SER B 312 8.54 -1.45 -11.89
N SER B 313 7.87 -0.32 -12.06
CA SER B 313 8.56 0.95 -12.18
C SER B 313 8.59 1.73 -10.86
N LYS B 314 9.45 2.72 -10.83
CA LYS B 314 9.63 3.59 -9.67
C LYS B 314 8.77 4.84 -9.90
N LEU B 315 8.16 5.37 -8.85
CA LEU B 315 7.37 6.57 -8.98
C LEU B 315 8.28 7.77 -8.71
N TYR B 316 8.34 8.70 -9.66
CA TYR B 316 9.18 9.90 -9.53
C TYR B 316 8.41 11.15 -9.13
N HIS B 317 9.12 12.15 -8.62
CA HIS B 317 8.55 13.43 -8.21
C HIS B 317 9.41 14.62 -8.60
N CYS B 318 8.84 15.59 -9.31
CA CYS B 318 9.59 16.81 -9.64
C CYS B 318 8.74 17.98 -9.17
N ALA B 319 9.37 19.00 -8.62
CA ALA B 319 8.63 20.15 -8.14
C ALA B 319 9.08 21.43 -8.82
N LEU B 320 8.12 22.22 -9.28
CA LEU B 320 8.42 23.47 -9.95
C LEU B 320 8.03 24.64 -9.06
N GLN B 321 8.66 25.78 -9.30
CA GLN B 321 8.39 26.99 -8.52
C GLN B 321 8.18 28.19 -9.44
N MET B 322 7.14 28.96 -9.14
CA MET B 322 6.82 30.16 -9.90
C MET B 322 7.05 31.32 -8.94
N THR B 323 7.74 32.36 -9.41
CA THR B 323 8.03 33.52 -8.55
C THR B 323 7.83 34.84 -9.29
N SER B 324 7.45 35.86 -8.53
CA SER B 324 7.20 37.19 -9.06
C SER B 324 8.46 38.06 -9.10
N HIS B 325 8.77 38.58 -10.28
CA HIS B 325 9.93 39.45 -10.47
C HIS B 325 9.48 40.63 -11.35
N ASP B 326 9.37 41.81 -10.73
CA ASP B 326 8.95 43.01 -11.45
C ASP B 326 7.55 42.87 -12.02
N GLY B 327 6.70 42.14 -11.29
CA GLY B 327 5.32 41.95 -11.73
C GLY B 327 5.14 40.85 -12.76
N VAL B 328 6.20 40.09 -13.01
CA VAL B 328 6.15 38.99 -13.97
C VAL B 328 6.58 37.69 -13.30
N TRP B 329 5.71 36.68 -13.37
CA TRP B 329 6.00 35.39 -12.77
C TRP B 329 6.78 34.52 -13.75
N THR B 330 7.75 33.78 -13.23
CA THR B 330 8.57 32.89 -14.04
C THR B 330 8.68 31.53 -13.36
N SER B 331 9.02 30.50 -14.12
CA SER B 331 9.11 29.15 -13.57
C SER B 331 10.54 28.61 -13.45
N THR B 332 10.74 27.70 -12.50
CA THR B 332 12.04 27.05 -12.28
C THR B 332 11.76 25.61 -12.68
N SER B 333 12.79 24.83 -13.00
CA SER B 333 12.52 23.45 -13.39
C SER B 333 13.47 22.35 -12.93
N SER B 334 12.95 21.13 -12.97
CA SER B 334 13.67 19.91 -12.61
C SER B 334 14.00 19.23 -13.93
N GLU B 335 14.90 18.26 -13.90
CA GLU B 335 15.31 17.58 -15.12
C GLU B 335 14.21 16.89 -15.92
N GLN B 336 13.91 15.65 -15.56
CA GLN B 336 12.92 14.84 -16.25
C GLN B 336 11.45 15.23 -16.06
N CYS B 337 11.19 16.43 -15.53
CA CYS B 337 9.82 16.88 -15.27
C CYS B 337 8.85 16.88 -16.44
N PRO B 338 7.75 16.13 -16.34
CA PRO B 338 6.77 16.10 -17.43
C PRO B 338 5.94 17.36 -17.50
N ILE B 339 5.94 18.15 -16.44
CA ILE B 339 5.16 19.38 -16.42
C ILE B 339 5.98 20.68 -16.41
N ARG B 340 5.30 21.77 -16.77
CA ARG B 340 5.91 23.08 -16.74
C ARG B 340 4.88 24.16 -16.39
N LEU B 341 5.37 25.24 -15.80
CA LEU B 341 4.52 26.35 -15.40
C LEU B 341 4.80 27.54 -16.32
N VAL B 342 3.74 28.11 -16.89
CA VAL B 342 3.92 29.26 -17.74
C VAL B 342 2.76 30.22 -17.55
N GLU B 343 3.06 31.51 -17.71
CA GLU B 343 2.07 32.57 -17.58
C GLU B 343 0.85 32.23 -18.41
N GLY B 344 -0.32 32.58 -17.91
CA GLY B 344 -1.54 32.29 -18.64
C GLY B 344 -1.95 33.47 -19.47
N GLN B 345 -3.26 33.69 -19.55
CA GLN B 345 -3.88 34.78 -20.30
C GLN B 345 -3.38 36.16 -19.88
N SER B 346 -2.89 36.27 -18.67
CA SER B 346 -2.37 37.54 -18.18
C SER B 346 -1.28 37.27 -17.17
N GLN B 347 -0.67 38.32 -16.65
CA GLN B 347 0.38 38.12 -15.65
C GLN B 347 -0.26 37.62 -14.37
N ASN B 348 -1.57 37.76 -14.27
CA ASN B 348 -2.32 37.33 -13.11
C ASN B 348 -2.60 35.84 -13.05
N VAL B 349 -2.25 35.13 -14.12
CA VAL B 349 -2.50 33.70 -14.20
C VAL B 349 -1.30 32.86 -14.59
N LEU B 350 -1.23 31.64 -14.06
CA LEU B 350 -0.18 30.70 -14.41
C LEU B 350 -0.90 29.39 -14.70
N GLN B 351 -0.36 28.61 -15.62
CA GLN B 351 -0.96 27.33 -15.97
C GLN B 351 0.09 26.26 -15.78
N VAL B 352 -0.36 25.02 -15.64
CA VAL B 352 0.53 23.87 -15.49
C VAL B 352 0.32 23.13 -16.81
N ARG B 353 1.33 23.13 -17.66
CA ARG B 353 1.20 22.47 -18.94
C ARG B 353 1.93 21.14 -18.92
N VAL B 354 1.42 20.20 -19.71
CA VAL B 354 2.05 18.89 -19.79
C VAL B 354 1.74 18.41 -21.21
N ALA B 355 2.51 17.43 -21.68
CA ALA B 355 2.31 16.88 -23.01
C ALA B 355 1.26 15.77 -22.92
N PRO B 356 0.33 15.72 -23.88
CA PRO B 356 -0.70 14.70 -23.87
C PRO B 356 -0.14 13.30 -23.73
N THR B 357 0.95 13.00 -24.42
CA THR B 357 1.56 11.67 -24.34
C THR B 357 2.11 11.34 -22.97
N SER B 358 2.25 12.35 -22.13
CA SER B 358 2.78 12.14 -20.78
C SER B 358 1.65 11.73 -19.84
N MET B 359 0.42 12.03 -20.22
CA MET B 359 -0.69 11.69 -19.35
C MET B 359 -0.83 10.25 -18.90
N PRO B 360 -0.50 9.27 -19.76
CA PRO B 360 -0.67 7.90 -19.27
C PRO B 360 0.23 7.50 -18.11
N ASN B 361 1.32 8.23 -17.90
CA ASN B 361 2.23 7.91 -16.81
C ASN B 361 2.20 8.92 -15.68
N LEU B 362 1.34 9.91 -15.79
CA LEU B 362 1.23 10.94 -14.77
C LEU B 362 0.28 10.41 -13.68
N VAL B 363 0.78 10.36 -12.46
CA VAL B 363 0.01 9.87 -11.34
C VAL B 363 -0.73 11.02 -10.65
N GLY B 364 -0.04 12.15 -10.53
CA GLY B 364 -0.69 13.30 -9.92
C GLY B 364 0.13 14.57 -9.97
N VAL B 365 -0.54 15.71 -9.73
CA VAL B 365 0.11 17.00 -9.68
C VAL B 365 -0.49 17.67 -8.47
N SER B 366 0.32 18.47 -7.79
CA SER B 366 -0.16 19.14 -6.60
C SER B 366 0.20 20.61 -6.60
N LEU B 367 -0.75 21.42 -6.12
CA LEU B 367 -0.57 22.87 -6.07
C LEU B 367 -0.32 23.28 -4.64
N MET B 368 0.71 24.06 -4.42
CA MET B 368 0.97 24.54 -3.10
C MET B 368 1.25 26.02 -3.19
N LEU B 369 0.46 26.79 -2.45
CA LEU B 369 0.62 28.22 -2.40
C LEU B 369 -0.03 28.66 -1.11
N GLU B 370 0.09 29.95 -0.82
CA GLU B 370 -0.44 30.58 0.37
C GLU B 370 -1.85 30.13 0.74
N GLY B 371 -1.96 29.50 1.90
CA GLY B 371 -3.25 29.05 2.37
C GLY B 371 -4.01 28.04 1.54
N GLN B 372 -3.35 27.37 0.60
CA GLN B 372 -4.01 26.37 -0.25
C GLN B 372 -3.07 25.26 -0.69
N GLN B 373 -3.59 24.04 -0.69
CA GLN B 373 -2.86 22.89 -1.15
C GLN B 373 -3.83 21.94 -1.84
N TYR B 374 -3.63 21.65 -3.12
CA TYR B 374 -4.50 20.74 -3.83
C TYR B 374 -3.71 19.58 -4.44
N ARG B 375 -4.06 18.39 -4.00
CA ARG B 375 -3.43 17.17 -4.45
C ARG B 375 -4.38 16.57 -5.49
N LEU B 376 -4.03 16.74 -6.75
CA LEU B 376 -4.83 16.22 -7.84
C LEU B 376 -4.25 14.85 -8.21
N GLU B 377 -5.11 13.84 -8.33
CA GLU B 377 -4.64 12.51 -8.71
C GLU B 377 -5.38 11.99 -9.93
N TYR B 378 -4.67 11.30 -10.81
CA TYR B 378 -5.31 10.84 -12.02
C TYR B 378 -5.73 9.39 -12.00
N PHE B 379 -5.44 8.74 -10.87
CA PHE B 379 -5.85 7.36 -10.65
C PHE B 379 -6.90 7.41 -9.53
N GLY B 380 -7.74 6.38 -9.44
CA GLY B 380 -8.74 6.30 -8.38
C GLY B 380 -10.13 6.93 -8.47
N ASP B 381 -10.81 6.98 -7.33
CA ASP B 381 -12.16 7.53 -7.18
C ASP B 381 -12.40 8.20 -5.82
N HIS B 382 -11.33 8.36 -5.03
CA HIS B 382 -11.40 8.98 -3.71
C HIS B 382 -10.39 10.12 -3.51
N ASP C 7 -0.16 -16.54 39.46
CA ASP C 7 1.16 -17.22 39.30
C ASP C 7 2.28 -16.22 39.05
N LYS C 8 3.13 -16.51 38.06
CA LYS C 8 4.27 -15.66 37.71
C LYS C 8 3.97 -14.76 36.50
N ARG C 9 4.57 -13.56 36.48
CA ARG C 9 4.37 -12.60 35.39
C ARG C 9 5.68 -12.16 34.74
N THR C 10 5.65 -11.98 33.43
CA THR C 10 6.83 -11.59 32.67
C THR C 10 6.58 -10.41 31.74
N CYS C 11 7.65 -9.83 31.21
CA CYS C 11 7.54 -8.72 30.29
C CYS C 11 7.86 -9.26 28.92
N VAL C 12 6.98 -9.00 27.96
CA VAL C 12 7.22 -9.45 26.60
C VAL C 12 7.64 -8.23 25.83
N SER C 13 7.28 -7.06 26.36
CA SER C 13 7.60 -5.77 25.75
C SER C 13 7.92 -4.69 26.78
N LEU C 14 8.75 -3.74 26.38
CA LEU C 14 9.14 -2.62 27.23
C LEU C 14 8.56 -1.34 26.65
N THR C 15 7.97 -0.49 27.49
CA THR C 15 7.37 0.75 27.01
C THR C 15 8.35 1.60 26.20
N THR C 16 7.81 2.47 25.37
CA THR C 16 8.62 3.36 24.54
C THR C 16 8.38 4.79 25.02
N GLN C 17 7.34 4.98 25.81
CA GLN C 17 7.05 6.29 26.37
C GLN C 17 7.64 6.33 27.76
N ARG C 18 7.87 7.53 28.25
CA ARG C 18 8.42 7.66 29.59
C ARG C 18 7.28 7.82 30.57
N LEU C 19 7.54 7.47 31.82
CA LEU C 19 6.55 7.60 32.87
C LEU C 19 6.98 8.77 33.72
N PRO C 20 6.04 9.64 34.12
CA PRO C 20 6.53 10.74 34.95
C PRO C 20 6.77 10.18 36.35
N VAL C 21 7.94 10.45 36.91
CA VAL C 21 8.30 9.97 38.23
C VAL C 21 7.25 10.40 39.24
N SER C 22 6.51 11.44 38.90
CA SER C 22 5.45 11.96 39.75
C SER C 22 4.20 11.10 39.57
N ARG C 23 4.40 9.84 39.26
CA ARG C 23 3.28 8.92 39.04
C ARG C 23 3.63 7.46 39.28
N ILE C 24 4.88 7.18 39.65
CA ILE C 24 5.29 5.80 39.89
C ILE C 24 5.36 5.50 41.38
N LYS C 25 4.29 4.92 41.92
CA LYS C 25 4.21 4.58 43.33
C LYS C 25 5.33 3.67 43.81
N THR C 26 5.50 2.51 43.17
CA THR C 26 6.55 1.56 43.55
C THR C 26 7.44 1.22 42.36
N TYR C 27 8.24 0.18 42.50
CA TYR C 27 9.13 -0.26 41.42
C TYR C 27 9.74 -1.62 41.77
N THR C 28 10.29 -2.30 40.77
CA THR C 28 10.89 -3.62 40.97
C THR C 28 11.59 -4.12 39.71
N ILE C 29 12.82 -4.62 39.87
CA ILE C 29 13.55 -5.14 38.72
C ILE C 29 13.29 -6.63 38.59
N THR C 30 13.22 -7.10 37.34
CA THR C 30 12.96 -8.51 37.09
C THR C 30 13.86 -9.07 36.00
N GLU C 31 14.52 -10.18 36.32
CA GLU C 31 15.40 -10.84 35.38
C GLU C 31 14.77 -12.18 35.03
N GLY C 32 15.21 -12.76 33.93
CA GLY C 32 14.67 -14.03 33.49
C GLY C 32 14.61 -14.07 31.98
N SER C 33 13.43 -13.87 31.42
CA SER C 33 13.26 -13.85 29.96
C SER C 33 13.95 -12.61 29.43
N LEU C 34 13.30 -11.47 29.64
CA LEU C 34 13.84 -10.19 29.21
C LEU C 34 14.02 -9.34 30.46
N ARG C 35 15.26 -9.09 30.85
CA ARG C 35 15.53 -8.29 32.03
C ARG C 35 14.87 -6.93 31.86
N ALA C 36 14.05 -6.55 32.82
CA ALA C 36 13.33 -5.28 32.74
C ALA C 36 13.11 -4.63 34.09
N VAL C 37 12.52 -3.44 34.06
CA VAL C 37 12.20 -2.66 35.24
C VAL C 37 10.69 -2.58 35.23
N ILE C 38 10.05 -2.77 36.38
CA ILE C 38 8.60 -2.75 36.40
C ILE C 38 7.97 -1.68 37.28
N PHE C 39 7.80 -0.49 36.71
CA PHE C 39 7.20 0.62 37.45
C PHE C 39 5.70 0.38 37.68
N ILE C 40 5.27 0.49 38.94
CA ILE C 40 3.86 0.34 39.29
C ILE C 40 3.37 1.78 39.43
N THR C 41 2.20 2.10 38.88
CA THR C 41 1.71 3.47 38.99
C THR C 41 0.83 3.67 40.21
N LYS C 42 0.74 4.92 40.64
CA LYS C 42 -0.06 5.31 41.78
C LYS C 42 -1.52 4.91 41.63
N ARG C 43 -1.94 4.64 40.40
CA ARG C 43 -3.33 4.25 40.18
C ARG C 43 -3.43 2.73 40.05
N GLY C 44 -2.28 2.07 40.17
CA GLY C 44 -2.22 0.62 40.08
C GLY C 44 -1.26 0.24 38.96
N LEU C 45 -1.84 0.02 37.79
CA LEU C 45 -1.14 -0.29 36.54
C LEU C 45 0.39 -0.44 36.57
N LYS C 46 0.90 -1.49 35.94
CA LYS C 46 2.34 -1.77 35.90
C LYS C 46 2.93 -1.48 34.53
N VAL C 47 4.19 -1.06 34.47
CA VAL C 47 4.84 -0.75 33.20
C VAL C 47 6.27 -1.26 33.08
N CYS C 48 6.52 -2.07 32.07
CA CYS C 48 7.86 -2.62 31.82
C CYS C 48 8.71 -1.61 31.08
N ALA C 49 9.90 -1.31 31.58
CA ALA C 49 10.79 -0.35 30.94
C ALA C 49 12.17 -0.96 30.77
N ASP C 50 13.02 -0.32 29.97
CA ASP C 50 14.37 -0.81 29.75
C ASP C 50 15.32 -0.26 30.81
N PRO C 51 16.15 -1.14 31.40
CA PRO C 51 17.09 -0.66 32.42
C PRO C 51 18.22 0.16 31.80
N GLN C 52 18.56 -0.15 30.55
CA GLN C 52 19.62 0.56 29.84
C GLN C 52 19.15 1.96 29.42
N ALA C 53 17.83 2.12 29.34
CA ALA C 53 17.24 3.40 28.95
C ALA C 53 17.62 4.50 29.95
N THR C 54 18.24 5.55 29.43
CA THR C 54 18.69 6.68 30.23
C THR C 54 17.67 7.24 31.23
N TRP C 55 16.48 7.59 30.75
CA TRP C 55 15.47 8.17 31.63
C TRP C 55 15.13 7.27 32.81
N VAL C 56 15.08 5.97 32.55
CA VAL C 56 14.74 4.98 33.57
C VAL C 56 15.58 5.13 34.85
N ARG C 57 16.89 4.98 34.71
CA ARG C 57 17.80 5.09 35.85
C ARG C 57 17.58 6.38 36.64
N ASP C 58 17.21 7.44 35.93
CA ASP C 58 16.96 8.73 36.56
C ASP C 58 15.74 8.68 37.46
N VAL C 59 14.74 7.90 37.07
CA VAL C 59 13.50 7.76 37.84
C VAL C 59 13.66 6.87 39.07
N VAL C 60 14.53 5.87 38.97
CA VAL C 60 14.77 4.96 40.09
C VAL C 60 15.45 5.73 41.21
N ARG C 61 16.60 6.30 40.90
CA ARG C 61 17.40 7.06 41.86
C ARG C 61 16.67 8.22 42.55
N SER C 62 15.82 8.94 41.82
CA SER C 62 15.09 10.07 42.42
C SER C 62 13.90 9.54 43.19
N MET C 63 13.76 8.21 43.21
CA MET C 63 12.68 7.56 43.92
C MET C 63 13.32 6.82 45.09
N ASP C 64 14.64 6.63 45.01
CA ASP C 64 15.42 5.95 46.04
C ASP C 64 15.79 6.88 47.19
N ARG C 65 15.57 8.18 47.00
CA ARG C 65 15.86 9.16 48.04
C ARG C 65 14.76 9.06 49.08
N LYS C 66 13.76 8.24 48.78
CA LYS C 66 12.64 8.01 49.67
C LYS C 66 12.52 6.51 49.93
N SER C 67 13.62 5.80 49.68
CA SER C 67 13.68 4.35 49.87
C SER C 67 15.13 3.86 49.85
N ASP D 7 -9.98 19.57 -36.82
CA ASP D 7 -8.53 19.45 -36.46
C ASP D 7 -8.04 18.02 -36.44
N LYS D 8 -6.72 17.86 -36.46
CA LYS D 8 -6.12 16.54 -36.45
C LYS D 8 -6.28 15.83 -35.11
N ARG D 9 -6.53 14.53 -35.17
CA ARG D 9 -6.71 13.69 -34.00
C ARG D 9 -5.69 12.56 -34.06
N THR D 10 -4.99 12.32 -32.96
CA THR D 10 -4.00 11.27 -32.91
C THR D 10 -4.32 10.31 -31.77
N CYS D 11 -3.86 9.07 -31.92
CA CYS D 11 -4.08 8.08 -30.88
C CYS D 11 -2.94 8.20 -29.89
N VAL D 12 -3.26 8.20 -28.61
CA VAL D 12 -2.25 8.31 -27.59
C VAL D 12 -1.99 6.94 -27.00
N SER D 13 -3.05 6.15 -26.89
CA SER D 13 -2.95 4.80 -26.34
C SER D 13 -3.64 3.79 -27.26
N LEU D 14 -3.10 2.59 -27.32
CA LEU D 14 -3.68 1.55 -28.16
C LEU D 14 -4.45 0.59 -27.26
N THR D 15 -5.60 0.13 -27.73
CA THR D 15 -6.40 -0.77 -26.93
C THR D 15 -5.59 -1.98 -26.57
N THR D 16 -5.97 -2.62 -25.47
CA THR D 16 -5.25 -3.80 -25.03
C THR D 16 -6.13 -5.04 -25.09
N GLN D 17 -7.33 -4.85 -25.63
CA GLN D 17 -8.30 -5.94 -25.80
C GLN D 17 -8.62 -6.10 -27.27
N ARG D 18 -8.69 -7.34 -27.74
CA ARG D 18 -9.00 -7.56 -29.14
C ARG D 18 -10.44 -7.15 -29.35
N LEU D 19 -10.78 -6.77 -30.57
CA LEU D 19 -12.12 -6.35 -30.92
C LEU D 19 -12.68 -7.30 -31.98
N PRO D 20 -13.87 -7.88 -31.75
CA PRO D 20 -14.45 -8.81 -32.72
C PRO D 20 -14.75 -8.13 -34.05
N VAL D 21 -14.35 -8.78 -35.14
CA VAL D 21 -14.61 -8.23 -36.47
C VAL D 21 -16.12 -8.02 -36.55
N SER D 22 -16.85 -8.86 -35.82
CA SER D 22 -18.30 -8.79 -35.77
C SER D 22 -18.80 -7.57 -35.01
N ARG D 23 -17.94 -6.58 -34.82
CA ARG D 23 -18.32 -5.37 -34.10
C ARG D 23 -17.79 -4.15 -34.82
N ILE D 24 -16.86 -4.37 -35.75
CA ILE D 24 -16.28 -3.26 -36.49
C ILE D 24 -17.17 -2.88 -37.67
N LYS D 25 -17.06 -1.63 -38.09
CA LYS D 25 -17.85 -1.13 -39.21
C LYS D 25 -16.88 -0.72 -40.30
N THR D 26 -15.89 0.07 -39.92
CA THR D 26 -14.88 0.54 -40.87
C THR D 26 -13.56 0.66 -40.16
N TYR D 27 -12.58 1.28 -40.82
CA TYR D 27 -11.28 1.48 -40.22
C TYR D 27 -10.42 2.38 -41.09
N THR D 28 -9.34 2.89 -40.50
CA THR D 28 -8.41 3.77 -41.18
C THR D 28 -7.04 3.48 -40.59
N ILE D 29 -6.01 4.11 -41.13
CA ILE D 29 -4.66 3.89 -40.62
C ILE D 29 -3.88 5.18 -40.49
N THR D 30 -4.31 6.06 -39.60
CA THR D 30 -3.59 7.32 -39.42
C THR D 30 -2.15 6.99 -39.05
N GLU D 31 -1.21 7.81 -39.51
CA GLU D 31 0.20 7.57 -39.24
C GLU D 31 0.96 8.75 -38.65
N GLY D 32 0.99 8.84 -37.33
CA GLY D 32 1.71 9.90 -36.66
C GLY D 32 2.90 9.28 -35.95
N SER D 33 3.35 9.90 -34.87
CA SER D 33 4.48 9.38 -34.11
C SER D 33 4.11 8.00 -33.56
N LEU D 34 2.82 7.74 -33.52
CA LEU D 34 2.29 6.47 -33.05
C LEU D 34 1.26 6.04 -34.07
N ARG D 35 1.74 5.41 -35.14
CA ARG D 35 0.84 4.95 -36.20
C ARG D 35 -0.08 3.90 -35.62
N ALA D 36 -1.32 3.87 -36.10
CA ALA D 36 -2.28 2.91 -35.59
C ALA D 36 -3.48 2.72 -36.47
N VAL D 37 -4.16 1.61 -36.22
CA VAL D 37 -5.37 1.26 -36.93
C VAL D 37 -6.51 1.73 -36.04
N ILE D 38 -7.37 2.59 -36.57
CA ILE D 38 -8.49 3.07 -35.78
C ILE D 38 -9.77 2.39 -36.21
N PHE D 39 -10.23 1.41 -35.43
CA PHE D 39 -11.45 0.72 -35.76
C PHE D 39 -12.65 1.58 -35.33
N ILE D 40 -13.73 1.50 -36.08
CA ILE D 40 -14.93 2.26 -35.73
C ILE D 40 -16.03 1.22 -35.52
N THR D 41 -16.35 0.94 -34.26
CA THR D 41 -17.38 -0.05 -33.96
C THR D 41 -18.68 0.30 -34.65
N LYS D 42 -19.56 -0.69 -34.79
CA LYS D 42 -20.82 -0.49 -35.47
C LYS D 42 -21.70 0.59 -34.88
N ARG D 43 -21.46 1.00 -33.64
CA ARG D 43 -22.28 2.06 -33.07
C ARG D 43 -21.56 3.41 -32.95
N GLY D 44 -20.34 3.50 -33.49
CA GLY D 44 -19.64 4.78 -33.45
C GLY D 44 -18.39 4.97 -32.62
N LEU D 45 -18.02 3.99 -31.79
CA LEU D 45 -16.82 4.11 -30.97
C LEU D 45 -15.57 3.98 -31.82
N LYS D 46 -14.50 4.66 -31.44
CA LYS D 46 -13.27 4.57 -32.22
C LYS D 46 -12.14 4.02 -31.39
N VAL D 47 -11.78 2.77 -31.60
CA VAL D 47 -10.69 2.21 -30.83
C VAL D 47 -9.44 2.09 -31.70
N CYS D 48 -8.32 2.46 -31.11
CA CYS D 48 -7.03 2.42 -31.78
C CYS D 48 -6.45 1.04 -31.49
N ALA D 49 -5.71 0.50 -32.45
CA ALA D 49 -5.10 -0.81 -32.28
C ALA D 49 -3.73 -0.83 -32.94
N ASP D 50 -2.91 -1.78 -32.52
CA ASP D 50 -1.58 -1.95 -33.08
C ASP D 50 -1.72 -2.52 -34.50
N PRO D 51 -1.16 -1.83 -35.51
CA PRO D 51 -1.26 -2.33 -36.90
C PRO D 51 -0.36 -3.55 -37.09
N GLN D 52 0.49 -3.79 -36.10
CA GLN D 52 1.42 -4.91 -36.10
C GLN D 52 0.84 -6.12 -35.38
N ALA D 53 -0.22 -5.91 -34.61
CA ALA D 53 -0.86 -7.00 -33.87
C ALA D 53 -1.52 -7.99 -34.83
N THR D 54 -1.26 -9.27 -34.60
CA THR D 54 -1.82 -10.30 -35.46
C THR D 54 -3.34 -10.20 -35.57
N TRP D 55 -4.02 -10.14 -34.43
CA TRP D 55 -5.48 -10.05 -34.46
C TRP D 55 -5.99 -8.85 -35.26
N VAL D 56 -5.25 -7.74 -35.19
CA VAL D 56 -5.65 -6.54 -35.93
C VAL D 56 -5.52 -6.83 -37.42
N ARG D 57 -4.34 -7.31 -37.80
CA ARG D 57 -4.05 -7.65 -39.19
C ARG D 57 -5.14 -8.57 -39.72
N ASP D 58 -5.50 -9.57 -38.92
CA ASP D 58 -6.52 -10.54 -39.28
C ASP D 58 -7.84 -9.85 -39.60
N VAL D 59 -8.20 -8.85 -38.80
CA VAL D 59 -9.44 -8.10 -38.96
C VAL D 59 -9.38 -7.18 -40.17
N VAL D 60 -8.25 -6.46 -40.30
CA VAL D 60 -8.04 -5.56 -41.41
C VAL D 60 -8.22 -6.33 -42.72
N ARG D 61 -7.72 -7.56 -42.73
CA ARG D 61 -7.83 -8.41 -43.91
C ARG D 61 -9.26 -8.90 -44.09
N SER D 62 -9.83 -9.43 -43.01
CA SER D 62 -11.20 -9.94 -43.01
C SER D 62 -12.19 -8.88 -43.48
N MET D 63 -11.88 -7.62 -43.20
CA MET D 63 -12.75 -6.53 -43.59
C MET D 63 -12.53 -6.19 -45.05
N ASP D 64 -11.27 -6.16 -45.48
CA ASP D 64 -10.98 -5.86 -46.88
C ASP D 64 -11.59 -6.95 -47.75
N ARG D 65 -11.52 -8.18 -47.26
CA ARG D 65 -12.04 -9.34 -47.97
C ARG D 65 -13.55 -9.47 -47.84
N LYS D 66 -14.16 -8.62 -47.01
CA LYS D 66 -15.61 -8.65 -46.82
C LYS D 66 -16.22 -7.41 -47.45
N SER D 67 -15.37 -6.43 -47.75
CA SER D 67 -15.80 -5.17 -48.36
C SER D 67 -15.41 -5.18 -49.83
N ASN D 68 -14.89 -6.30 -50.30
CA ASN D 68 -14.50 -6.45 -51.69
C ASN D 68 -15.58 -7.25 -52.39
N THR D 69 -15.94 -8.40 -51.82
CA THR D 69 -16.99 -9.24 -52.38
C THR D 69 -18.29 -8.46 -52.29
N ARG D 70 -18.44 -7.70 -51.20
CA ARG D 70 -19.62 -6.87 -50.99
C ARG D 70 -19.31 -5.53 -51.65
N ASN D 71 -18.74 -5.60 -52.85
CA ASN D 71 -18.38 -4.42 -53.62
C ASN D 71 -18.34 -4.84 -55.09
N ASN D 72 -19.52 -5.09 -55.66
CA ASN D 72 -19.68 -5.51 -57.06
C ASN D 72 -19.11 -6.91 -57.33
#